data_4GNI
#
_entry.id   4GNI
#
_cell.length_a   80.630
_cell.length_b   55.380
_cell.length_c   98.790
_cell.angle_alpha   90.00
_cell.angle_beta   106.53
_cell.angle_gamma   90.00
#
_symmetry.space_group_name_H-M   'P 1 21 1'
#
loop_
_entity.id
_entity.type
_entity.pdbx_description
1 polymer 'Putative heat shock protein'
2 non-polymer 'MAGNESIUM ION'
3 non-polymer "ADENOSINE-5'-TRIPHOSPHATE"
4 water water
#
_entity_poly.entity_id   1
_entity_poly.type   'polypeptide(L)'
_entity_poly.pdbx_seq_one_letter_code
;MAESASKAAPGERVVIGITFGNSNSSIAHTVDDKAEVIANEDGDRQIPTILSYVDGDEYYGQQAKNFLVRNPKNTVAYFR
DILGQDFKSVDPTHNHASAHPQEAGDNVVFTIKDKAEEDAEPSTLTVSEIATRYLRRLVGAASEYLGKKVTSAVITIPTN
FTEKQKAALIAAAAAADLEVLQLISEPAAAVLAYDARPEATISDKIIVVADLGGSRSDVTVLASRSGMYTILATVHDYEY
HGIALDKVLIDHFSKEFLKKNPGAKDPRENPRSLAKLRLEAESTKRALSRSTNASFSVESLIDGLDFASTINRLRYETIA
RTVFEGFNRLVESAVKKAGLDPLDVDEVIMSGGTSNTPRIAANFRYIFPESTRILAPSTDPSALNPSELQARGAALQASL
IQEHHHHHH
;
_entity_poly.pdbx_strand_id   A,B
#
# COMPACT_ATOMS: atom_id res chain seq x y z
N ARG A 13 25.18 11.78 7.66
CA ARG A 13 24.53 11.02 6.60
C ARG A 13 25.08 11.31 5.20
N VAL A 14 25.28 10.24 4.44
CA VAL A 14 25.57 10.34 3.01
C VAL A 14 24.45 9.61 2.27
N VAL A 15 23.68 10.36 1.47
CA VAL A 15 22.44 9.82 0.90
C VAL A 15 22.49 9.63 -0.61
N ILE A 16 21.80 8.60 -1.07
CA ILE A 16 21.67 8.33 -2.50
C ILE A 16 20.24 7.86 -2.76
N GLY A 17 19.85 7.87 -4.04
CA GLY A 17 18.60 7.26 -4.47
C GLY A 17 18.89 5.91 -5.09
N ILE A 18 18.00 4.95 -4.90
CA ILE A 18 18.22 3.61 -5.42
C ILE A 18 16.96 3.12 -6.09
N THR A 19 17.08 2.62 -7.31
CA THR A 19 15.98 1.84 -7.89
C THR A 19 16.42 0.38 -7.92
N PHE A 20 15.52 -0.50 -7.47
CA PHE A 20 15.87 -1.87 -7.18
C PHE A 20 14.82 -2.72 -7.87
N GLY A 21 15.11 -3.17 -9.09
CA GLY A 21 14.13 -3.86 -9.93
C GLY A 21 14.36 -5.35 -10.12
N ASN A 22 13.41 -6.07 -10.73
CA ASN A 22 13.54 -7.52 -10.89
C ASN A 22 14.67 -7.84 -11.91
N SER A 23 14.84 -6.96 -12.91
CA SER A 23 15.87 -7.12 -13.94
C SER A 23 17.14 -6.30 -13.70
N ASN A 24 16.95 -4.99 -13.52
CA ASN A 24 18.06 -4.06 -13.29
C ASN A 24 17.87 -3.24 -12.03
N SER A 25 18.97 -2.68 -11.52
CA SER A 25 18.93 -1.68 -10.48
C SER A 25 19.74 -0.47 -10.94
N SER A 26 19.58 0.64 -10.24
CA SER A 26 20.37 1.83 -10.51
C SER A 26 20.59 2.67 -9.26
N ILE A 27 21.70 3.41 -9.23
CA ILE A 27 22.03 4.31 -8.13
C ILE A 27 22.21 5.74 -8.65
N ALA A 28 21.81 6.71 -7.84
CA ALA A 28 21.92 8.10 -8.22
C ALA A 28 22.13 8.99 -7.01
N HIS A 29 22.63 10.20 -7.29
CA HIS A 29 22.87 11.21 -6.27
C HIS A 29 22.60 12.57 -6.87
N THR A 30 22.52 13.59 -6.03
CA THR A 30 22.24 14.93 -6.52
C THR A 30 23.47 15.82 -6.42
N VAL A 31 23.79 16.50 -7.51
CA VAL A 31 24.87 17.48 -7.51
C VAL A 31 24.34 18.82 -8.02
N ASP A 32 24.56 19.88 -7.24
CA ASP A 32 24.14 21.20 -7.65
C ASP A 32 22.65 21.25 -8.00
N ASP A 33 21.84 20.58 -7.19
CA ASP A 33 20.39 20.54 -7.38
C ASP A 33 19.91 19.64 -8.51
N LYS A 34 20.83 18.97 -9.18
CA LYS A 34 20.48 18.09 -10.28
C LYS A 34 20.88 16.65 -10.00
N ALA A 35 20.02 15.72 -10.36
CA ALA A 35 20.28 14.30 -10.14
C ALA A 35 21.11 13.73 -11.29
N GLU A 36 22.10 12.92 -10.93
CA GLU A 36 22.91 12.20 -11.91
C GLU A 36 22.99 10.72 -11.53
N VAL A 37 22.79 9.85 -12.53
CA VAL A 37 22.93 8.42 -12.29
C VAL A 37 24.38 8.01 -12.25
N ILE A 38 24.73 7.16 -11.29
CA ILE A 38 26.11 6.72 -11.09
C ILE A 38 26.40 5.40 -11.81
N ALA A 39 27.48 5.38 -12.60
CA ALA A 39 27.92 4.14 -13.23
C ALA A 39 28.74 3.32 -12.25
N ASN A 40 28.55 2.00 -12.25
CA ASN A 40 29.37 1.16 -11.40
C ASN A 40 30.70 0.87 -12.06
N GLU A 41 31.52 0.03 -11.43
CA GLU A 41 32.88 -0.22 -11.91
C GLU A 41 32.94 -0.98 -13.24
N ASP A 42 31.81 -1.55 -13.67
CA ASP A 42 31.72 -2.16 -14.99
C ASP A 42 31.35 -1.11 -16.01
N GLY A 43 31.09 0.10 -15.52
CA GLY A 43 30.65 1.20 -16.38
C GLY A 43 29.16 1.18 -16.67
N ASP A 44 28.41 0.36 -15.93
CA ASP A 44 26.98 0.25 -16.16
C ASP A 44 26.20 1.25 -15.29
N ARG A 45 25.18 1.87 -15.87
CA ARG A 45 24.20 2.64 -15.12
C ARG A 45 22.91 1.83 -14.93
N GLN A 46 22.72 0.85 -15.80
CA GLN A 46 21.64 -0.12 -15.62
C GLN A 46 22.29 -1.44 -15.21
N ILE A 47 22.19 -1.75 -13.92
CA ILE A 47 22.92 -2.85 -13.33
C ILE A 47 22.05 -4.06 -13.07
N PRO A 48 22.27 -5.15 -13.82
CA PRO A 48 21.46 -6.35 -13.64
C PRO A 48 21.31 -6.74 -12.17
N THR A 49 20.08 -7.05 -11.77
CA THR A 49 19.79 -7.45 -10.41
C THR A 49 20.01 -8.95 -10.30
N ILE A 50 21.28 -9.34 -10.29
CA ILE A 50 21.67 -10.74 -10.33
C ILE A 50 22.91 -10.94 -9.47
N LEU A 51 22.97 -12.07 -8.78
CA LEU A 51 24.13 -12.41 -7.97
C LEU A 51 24.65 -13.78 -8.41
N SER A 52 25.96 -13.94 -8.46
CA SER A 52 26.54 -15.22 -8.89
C SER A 52 27.82 -15.54 -8.11
N TYR A 53 28.10 -16.83 -7.92
CA TYR A 53 29.32 -17.25 -7.24
C TYR A 53 30.12 -18.23 -8.08
N VAL A 54 31.40 -17.94 -8.27
CA VAL A 54 32.32 -18.84 -8.94
C VAL A 54 33.61 -18.95 -8.10
N ASP A 55 33.96 -20.18 -7.73
CA ASP A 55 35.15 -20.42 -6.93
C ASP A 55 35.20 -19.54 -5.68
N GLY A 56 34.05 -19.40 -5.00
CA GLY A 56 33.98 -18.64 -3.76
C GLY A 56 34.02 -17.13 -3.92
N ASP A 57 34.15 -16.66 -5.15
CA ASP A 57 34.13 -15.22 -5.41
C ASP A 57 32.71 -14.77 -5.77
N GLU A 58 32.31 -13.61 -5.25
CA GLU A 58 30.97 -13.09 -5.47
C GLU A 58 30.92 -12.06 -6.58
N TYR A 59 30.00 -12.27 -7.52
CA TYR A 59 29.77 -11.35 -8.62
C TYR A 59 28.34 -10.81 -8.60
N TYR A 60 28.19 -9.59 -9.08
CA TYR A 60 26.86 -9.00 -9.22
C TYR A 60 26.81 -8.23 -10.54
N GLY A 61 25.64 -7.76 -10.94
CA GLY A 61 25.51 -7.04 -12.18
C GLY A 61 25.85 -7.85 -13.44
N GLN A 62 26.50 -7.19 -14.39
CA GLN A 62 26.71 -7.77 -15.72
C GLN A 62 27.60 -9.00 -15.73
N GLN A 63 28.62 -9.01 -14.87
CA GLN A 63 29.49 -10.19 -14.77
C GLN A 63 28.68 -11.37 -14.28
N ALA A 64 27.80 -11.12 -13.31
CA ALA A 64 26.90 -12.17 -12.82
C ALA A 64 25.94 -12.63 -13.91
N LYS A 65 25.43 -11.67 -14.67
CA LYS A 65 24.50 -11.97 -15.77
C LYS A 65 25.20 -12.89 -16.77
N ASN A 66 26.44 -12.56 -17.10
CA ASN A 66 27.21 -13.36 -18.04
C ASN A 66 27.40 -14.80 -17.53
N PHE A 67 27.38 -14.99 -16.23
CA PHE A 67 27.54 -16.34 -15.69
C PHE A 67 26.28 -17.19 -15.81
N LEU A 68 25.20 -16.60 -16.32
CA LEU A 68 23.99 -17.37 -16.55
C LEU A 68 24.26 -18.55 -17.48
N VAL A 69 25.21 -18.38 -18.39
CA VAL A 69 25.45 -19.44 -19.38
C VAL A 69 26.21 -20.63 -18.76
N ARG A 70 27.38 -20.37 -18.20
CA ARG A 70 28.22 -21.45 -17.69
C ARG A 70 28.00 -21.81 -16.21
N ASN A 71 27.39 -20.92 -15.44
CA ASN A 71 27.18 -21.17 -14.01
C ASN A 71 25.76 -20.86 -13.52
N PRO A 72 24.74 -21.44 -14.16
CA PRO A 72 23.34 -21.12 -13.81
C PRO A 72 22.93 -21.53 -12.39
N LYS A 73 23.42 -22.66 -11.90
CA LYS A 73 22.94 -23.17 -10.60
C LYS A 73 23.38 -22.34 -9.41
N ASN A 74 24.46 -21.57 -9.58
CA ASN A 74 24.99 -20.77 -8.50
C ASN A 74 24.80 -19.29 -8.77
N THR A 75 23.75 -18.98 -9.54
CA THR A 75 23.39 -17.62 -9.91
C THR A 75 21.95 -17.40 -9.49
N VAL A 76 21.71 -16.31 -8.76
CA VAL A 76 20.37 -15.95 -8.32
C VAL A 76 19.91 -14.72 -9.09
N ALA A 77 18.78 -14.82 -9.76
CA ALA A 77 18.25 -13.71 -10.54
C ALA A 77 16.76 -13.55 -10.27
N TYR A 78 16.16 -12.49 -10.81
CA TYR A 78 14.71 -12.29 -10.71
C TYR A 78 14.20 -12.59 -9.31
N PHE A 79 14.83 -11.97 -8.32
CA PHE A 79 14.51 -12.18 -6.92
C PHE A 79 13.91 -10.97 -6.23
N ARG A 80 13.91 -9.81 -6.89
CA ARG A 80 13.34 -8.62 -6.27
C ARG A 80 11.90 -8.87 -5.82
N ASP A 81 11.06 -9.36 -6.71
CA ASP A 81 9.66 -9.57 -6.37
C ASP A 81 9.42 -10.72 -5.40
N ILE A 82 10.43 -11.56 -5.18
CA ILE A 82 10.27 -12.68 -4.26
C ILE A 82 10.45 -12.23 -2.81
N LEU A 83 11.23 -11.18 -2.63
CA LEU A 83 11.47 -10.61 -1.30
C LEU A 83 10.15 -10.29 -0.62
N GLY A 84 9.93 -10.88 0.55
CA GLY A 84 8.72 -10.60 1.32
C GLY A 84 7.49 -11.40 0.92
N GLN A 85 7.62 -12.21 -0.12
CA GLN A 85 6.51 -13.02 -0.60
C GLN A 85 6.36 -14.30 0.23
N ASP A 86 5.12 -14.69 0.47
CA ASP A 86 4.84 -16.03 0.95
C ASP A 86 5.23 -16.99 -0.17
N PHE A 87 5.76 -18.14 0.18
CA PHE A 87 6.22 -19.10 -0.82
C PHE A 87 5.16 -19.50 -1.84
N LYS A 88 3.91 -19.64 -1.41
CA LYS A 88 2.84 -20.05 -2.32
C LYS A 88 2.57 -19.00 -3.40
N SER A 89 2.96 -17.76 -3.13
CA SER A 89 2.71 -16.67 -4.08
C SER A 89 3.84 -16.55 -5.12
N VAL A 90 4.93 -17.27 -4.90
CA VAL A 90 6.08 -17.18 -5.79
C VAL A 90 5.90 -17.91 -7.12
N ASP A 91 6.08 -17.18 -8.21
CA ASP A 91 6.07 -17.76 -9.53
C ASP A 91 7.53 -17.84 -9.98
N PRO A 92 8.07 -19.05 -10.06
CA PRO A 92 9.50 -19.22 -10.30
C PRO A 92 9.84 -19.33 -11.79
N THR A 93 8.91 -18.95 -12.66
CA THR A 93 9.12 -19.03 -14.11
C THR A 93 10.47 -18.49 -14.55
N HIS A 94 10.80 -17.27 -14.12
CA HIS A 94 12.00 -16.60 -14.58
C HIS A 94 13.27 -17.07 -13.87
N ASN A 95 13.11 -17.85 -12.80
CA ASN A 95 14.26 -18.43 -12.11
C ASN A 95 14.61 -19.81 -12.65
N HIS A 96 13.86 -20.28 -13.64
CA HIS A 96 14.04 -21.66 -14.10
C HIS A 96 15.45 -21.93 -14.62
N ALA A 97 16.04 -20.92 -15.26
CA ALA A 97 17.35 -21.01 -15.89
C ALA A 97 18.49 -20.66 -14.94
N SER A 98 18.14 -20.43 -13.69
CA SER A 98 19.09 -20.09 -12.64
C SER A 98 18.66 -20.79 -11.35
N ALA A 99 19.17 -20.36 -10.21
CA ALA A 99 18.81 -20.99 -8.93
C ALA A 99 17.30 -20.96 -8.69
N HIS A 100 16.74 -22.11 -8.32
CA HIS A 100 15.30 -22.23 -8.07
C HIS A 100 14.93 -21.84 -6.63
N PRO A 101 13.94 -20.96 -6.47
CA PRO A 101 13.44 -20.63 -5.13
C PRO A 101 12.89 -21.88 -4.44
N GLN A 102 13.15 -22.01 -3.14
CA GLN A 102 12.66 -23.17 -2.39
C GLN A 102 11.94 -22.75 -1.11
N GLU A 103 11.09 -23.63 -0.59
CA GLU A 103 10.42 -23.39 0.69
C GLU A 103 11.21 -24.00 1.84
N ALA A 104 11.51 -23.19 2.84
CA ALA A 104 12.24 -23.66 4.00
C ALA A 104 11.65 -23.04 5.27
N GLY A 105 10.58 -23.64 5.77
CA GLY A 105 9.87 -23.08 6.91
C GLY A 105 9.09 -21.85 6.51
N ASP A 106 9.39 -20.73 7.16
CA ASP A 106 8.66 -19.48 6.92
C ASP A 106 9.28 -18.66 5.78
N ASN A 107 10.45 -19.10 5.31
CA ASN A 107 11.20 -18.32 4.34
C ASN A 107 11.29 -18.97 2.96
N VAL A 108 11.53 -18.14 1.95
CA VAL A 108 11.83 -18.62 0.60
C VAL A 108 13.33 -18.55 0.45
N VAL A 109 13.94 -19.63 -0.02
CA VAL A 109 15.39 -19.73 0.00
C VAL A 109 15.96 -20.23 -1.32
N PHE A 110 17.25 -19.97 -1.52
CA PHE A 110 18.00 -20.50 -2.65
C PHE A 110 19.17 -21.30 -2.11
N THR A 111 19.47 -22.41 -2.77
CA THR A 111 20.59 -23.25 -2.40
C THR A 111 21.66 -23.15 -3.47
N ILE A 112 22.78 -22.52 -3.11
CA ILE A 112 23.83 -22.26 -4.09
C ILE A 112 25.20 -22.53 -3.48
N LYS A 113 26.15 -22.95 -4.32
CA LYS A 113 27.52 -23.13 -3.87
C LYS A 113 28.25 -21.81 -3.85
N ASP A 114 28.33 -21.21 -2.67
CA ASP A 114 29.02 -19.93 -2.52
C ASP A 114 30.36 -20.05 -1.81
N LYS A 115 30.70 -21.27 -1.40
CA LYS A 115 32.00 -21.54 -0.77
C LYS A 115 33.07 -21.91 -1.79
N ALA A 116 34.33 -21.72 -1.42
CA ALA A 116 35.47 -22.02 -2.29
C ALA A 116 35.55 -23.50 -2.64
N GLU A 117 35.23 -24.37 -1.68
CA GLU A 117 35.20 -25.80 -1.95
C GLU A 117 34.15 -26.10 -3.01
N GLU A 118 34.48 -27.00 -3.94
CA GLU A 118 35.53 -27.99 -3.77
C GLU A 118 35.21 -28.89 -2.57
N ASP A 119 33.94 -29.32 -2.54
CA ASP A 119 33.41 -30.26 -1.56
C ASP A 119 32.81 -29.63 -0.30
N ALA A 120 32.85 -28.30 -0.23
CA ALA A 120 32.13 -27.59 0.82
C ALA A 120 30.64 -27.70 0.55
N GLU A 121 29.84 -27.74 1.61
CA GLU A 121 28.40 -27.84 1.45
C GLU A 121 27.81 -26.56 0.85
N PRO A 122 26.79 -26.73 0.00
CA PRO A 122 26.10 -25.56 -0.58
C PRO A 122 25.40 -24.78 0.53
N SER A 123 25.45 -23.46 0.43
CA SER A 123 24.72 -22.62 1.38
C SER A 123 23.24 -22.51 1.01
N THR A 124 22.37 -22.66 2.00
CA THR A 124 20.97 -22.37 1.81
C THR A 124 20.72 -20.97 2.34
N LEU A 125 20.42 -20.04 1.44
CA LEU A 125 20.26 -18.64 1.80
C LEU A 125 18.84 -18.15 1.56
N THR A 126 18.35 -17.30 2.46
CA THR A 126 17.05 -16.67 2.29
C THR A 126 17.12 -15.56 1.23
N VAL A 127 15.99 -15.29 0.58
CA VAL A 127 15.94 -14.23 -0.42
C VAL A 127 16.35 -12.90 0.21
N SER A 128 15.98 -12.74 1.47
CA SER A 128 16.37 -11.57 2.24
C SER A 128 17.91 -11.41 2.31
N GLU A 129 18.62 -12.51 2.55
CA GLU A 129 20.09 -12.50 2.54
C GLU A 129 20.64 -12.19 1.15
N ILE A 130 20.06 -12.80 0.12
CA ILE A 130 20.43 -12.51 -1.26
C ILE A 130 20.31 -11.01 -1.52
N ALA A 131 19.18 -10.43 -1.14
CA ALA A 131 18.95 -8.99 -1.32
C ALA A 131 19.95 -8.15 -0.54
N THR A 132 20.27 -8.58 0.68
CA THR A 132 21.24 -7.88 1.49
C THR A 132 22.61 -7.90 0.81
N ARG A 133 23.03 -9.08 0.37
CA ARG A 133 24.31 -9.22 -0.33
C ARG A 133 24.37 -8.35 -1.59
N TYR A 134 23.29 -8.36 -2.36
CA TYR A 134 23.23 -7.53 -3.55
C TYR A 134 23.25 -6.03 -3.24
N LEU A 135 22.42 -5.60 -2.30
CA LEU A 135 22.37 -4.19 -1.96
C LEU A 135 23.74 -3.70 -1.46
N ARG A 136 24.45 -4.54 -0.72
CA ARG A 136 25.81 -4.21 -0.27
C ARG A 136 26.72 -3.88 -1.44
N ARG A 137 26.68 -4.71 -2.47
CA ARG A 137 27.47 -4.47 -3.66
C ARG A 137 27.00 -3.22 -4.38
N LEU A 138 25.68 -3.04 -4.45
CA LEU A 138 25.12 -1.89 -5.16
C LEU A 138 25.48 -0.59 -4.45
N VAL A 139 25.34 -0.56 -3.12
CA VAL A 139 25.71 0.62 -2.36
C VAL A 139 27.23 0.76 -2.36
N GLY A 140 27.94 -0.36 -2.31
CA GLY A 140 29.39 -0.33 -2.39
C GLY A 140 29.86 0.42 -3.61
N ALA A 141 29.19 0.19 -4.74
CA ALA A 141 29.56 0.89 -5.98
C ALA A 141 29.29 2.38 -5.89
N ALA A 142 28.23 2.76 -5.18
CA ALA A 142 27.97 4.18 -4.96
C ALA A 142 29.07 4.78 -4.10
N SER A 143 29.40 4.11 -2.99
CA SER A 143 30.41 4.59 -2.06
C SER A 143 31.75 4.79 -2.75
N GLU A 144 32.14 3.83 -3.59
CA GLU A 144 33.42 3.90 -4.29
C GLU A 144 33.50 5.09 -5.23
N TYR A 145 32.40 5.38 -5.91
CA TYR A 145 32.35 6.55 -6.77
C TYR A 145 32.46 7.85 -5.96
N LEU A 146 31.90 7.84 -4.76
CA LEU A 146 31.80 9.06 -3.94
C LEU A 146 33.02 9.27 -3.04
N GLY A 147 33.72 8.19 -2.72
CA GLY A 147 34.86 8.27 -1.81
C GLY A 147 34.41 8.37 -0.37
N LYS A 148 33.12 8.19 -0.15
CA LYS A 148 32.57 8.24 1.19
C LYS A 148 31.64 7.06 1.43
N LYS A 149 31.53 6.62 2.67
CA LYS A 149 30.65 5.53 3.01
C LYS A 149 29.20 6.02 2.94
N VAL A 150 28.42 5.44 2.04
CA VAL A 150 27.00 5.77 1.95
C VAL A 150 26.32 5.21 3.19
N THR A 151 25.46 6.01 3.81
CA THR A 151 24.78 5.58 5.01
C THR A 151 23.27 5.40 4.81
N SER A 152 22.69 6.12 3.87
CA SER A 152 21.23 6.22 3.77
C SER A 152 20.72 6.33 2.33
N ALA A 153 19.52 5.81 2.07
CA ALA A 153 18.91 5.92 0.74
C ALA A 153 17.38 6.08 0.75
N VAL A 154 16.85 6.68 -0.31
CA VAL A 154 15.44 6.55 -0.68
C VAL A 154 15.37 5.43 -1.72
N ILE A 155 14.47 4.48 -1.56
CA ILE A 155 14.37 3.35 -2.49
C ILE A 155 12.99 3.31 -3.13
N THR A 156 12.95 3.05 -4.43
CA THR A 156 11.67 2.97 -5.14
C THR A 156 11.05 1.56 -5.06
N ILE A 157 9.73 1.50 -5.03
CA ILE A 157 9.01 0.23 -4.89
C ILE A 157 7.75 0.21 -5.76
N PRO A 158 7.27 -0.98 -6.13
CA PRO A 158 6.03 -1.09 -6.90
C PRO A 158 4.83 -0.71 -6.03
N THR A 159 3.72 -0.28 -6.65
CA THR A 159 2.55 0.14 -5.88
C THR A 159 1.77 -1.04 -5.29
N ASN A 160 2.13 -2.26 -5.71
CA ASN A 160 1.49 -3.45 -5.17
C ASN A 160 2.35 -4.19 -4.14
N PHE A 161 3.45 -3.56 -3.72
CA PHE A 161 4.27 -4.08 -2.64
C PHE A 161 3.45 -4.16 -1.34
N THR A 162 3.37 -5.35 -0.75
CA THR A 162 2.60 -5.53 0.48
C THR A 162 3.33 -4.92 1.66
N GLU A 163 2.64 -4.74 2.78
CA GLU A 163 3.32 -4.31 3.99
C GLU A 163 4.48 -5.23 4.34
N LYS A 164 4.27 -6.53 4.17
CA LYS A 164 5.32 -7.51 4.47
C LYS A 164 6.55 -7.28 3.60
N GLN A 165 6.33 -6.97 2.32
CA GLN A 165 7.46 -6.73 1.41
C GLN A 165 8.14 -5.42 1.74
N LYS A 166 7.37 -4.38 2.03
CA LYS A 166 7.96 -3.10 2.42
C LYS A 166 8.88 -3.32 3.64
N ALA A 167 8.35 -3.99 4.66
CA ALA A 167 9.12 -4.32 5.85
C ALA A 167 10.36 -5.16 5.51
N ALA A 168 10.19 -6.17 4.67
CA ALA A 168 11.30 -7.04 4.27
C ALA A 168 12.44 -6.25 3.60
N LEU A 169 12.07 -5.35 2.71
CA LEU A 169 13.07 -4.52 2.03
C LEU A 169 13.81 -3.64 3.02
N ILE A 170 13.06 -3.00 3.91
CA ILE A 170 13.67 -2.18 4.95
C ILE A 170 14.63 -3.01 5.80
N ALA A 171 14.23 -4.22 6.18
CA ALA A 171 15.10 -5.07 6.98
C ALA A 171 16.31 -5.58 6.19
N ALA A 172 16.12 -5.90 4.91
CA ALA A 172 17.25 -6.37 4.10
C ALA A 172 18.28 -5.25 3.93
N ALA A 173 17.81 -4.02 3.74
CA ALA A 173 18.70 -2.87 3.68
C ALA A 173 19.46 -2.64 4.97
N ALA A 174 18.75 -2.69 6.10
CA ALA A 174 19.37 -2.53 7.41
C ALA A 174 20.49 -3.54 7.61
N ALA A 175 20.24 -4.79 7.25
CA ALA A 175 21.23 -5.84 7.38
C ALA A 175 22.42 -5.55 6.46
N ALA A 176 22.22 -4.65 5.50
CA ALA A 176 23.29 -4.23 4.61
C ALA A 176 23.88 -2.92 5.12
N ASP A 177 23.58 -2.59 6.37
CA ASP A 177 24.02 -1.32 6.97
C ASP A 177 23.63 -0.10 6.12
N LEU A 178 22.45 -0.15 5.53
CA LEU A 178 21.88 0.97 4.78
C LEU A 178 20.60 1.47 5.44
N GLU A 179 20.58 2.75 5.79
CA GLU A 179 19.42 3.37 6.41
C GLU A 179 18.39 3.80 5.35
N VAL A 180 17.17 3.28 5.44
CA VAL A 180 16.15 3.70 4.51
C VAL A 180 15.45 4.96 5.04
N LEU A 181 15.50 6.04 4.27
CA LEU A 181 14.86 7.29 4.67
C LEU A 181 13.39 7.28 4.27
N GLN A 182 13.11 6.66 3.13
CA GLN A 182 11.74 6.61 2.63
C GLN A 182 11.64 5.60 1.51
N LEU A 183 10.50 4.92 1.43
CA LEU A 183 10.16 4.15 0.25
C LEU A 183 9.16 4.96 -0.58
N ILE A 184 9.52 5.31 -1.81
CA ILE A 184 8.55 5.97 -2.69
C ILE A 184 8.19 5.05 -3.86
N SER A 185 7.03 5.27 -4.47
CA SER A 185 6.60 4.38 -5.57
C SER A 185 7.44 4.59 -6.82
N GLU A 186 7.57 3.53 -7.60
CA GLU A 186 8.25 3.63 -8.89
C GLU A 186 7.60 4.69 -9.80
N PRO A 187 6.25 4.72 -9.86
CA PRO A 187 5.68 5.76 -10.71
C PRO A 187 5.86 7.17 -10.14
N ALA A 188 5.74 7.34 -8.82
CA ALA A 188 5.95 8.65 -8.23
C ALA A 188 7.36 9.18 -8.51
N ALA A 189 8.36 8.30 -8.38
CA ALA A 189 9.74 8.68 -8.61
C ALA A 189 10.00 9.16 -10.05
N ALA A 190 9.27 8.57 -11.00
CA ALA A 190 9.37 8.95 -12.41
C ALA A 190 8.79 10.34 -12.65
N VAL A 191 7.71 10.66 -11.93
CA VAL A 191 7.09 11.96 -12.04
C VAL A 191 8.02 13.02 -11.47
N LEU A 192 8.64 12.69 -10.35
CA LEU A 192 9.56 13.61 -9.70
C LEU A 192 10.71 13.94 -10.64
N ALA A 193 11.27 12.95 -11.31
CA ALA A 193 12.42 13.15 -12.19
C ALA A 193 12.16 14.21 -13.26
N TYR A 194 10.90 14.37 -13.62
CA TYR A 194 10.53 15.30 -14.68
C TYR A 194 10.33 16.69 -14.09
N ASP A 195 10.60 16.82 -12.81
CA ASP A 195 10.46 18.08 -12.08
C ASP A 195 9.01 18.27 -11.69
N ALA A 196 8.20 17.24 -11.91
CA ALA A 196 6.78 17.24 -11.56
C ALA A 196 5.94 18.00 -12.58
N SER A 203 -0.15 23.87 -12.51
CA SER A 203 0.59 22.62 -12.49
C SER A 203 -0.32 21.40 -12.27
N ASP A 204 -1.58 21.63 -11.92
CA ASP A 204 -2.56 20.56 -11.81
C ASP A 204 -2.70 19.81 -13.13
N LYS A 205 -2.58 18.48 -13.10
CA LYS A 205 -2.69 17.67 -14.30
C LYS A 205 -3.00 16.21 -14.01
N ILE A 206 -3.45 15.50 -15.05
CA ILE A 206 -3.64 14.06 -15.00
C ILE A 206 -2.48 13.38 -15.74
N ILE A 207 -1.80 12.47 -15.06
CA ILE A 207 -0.58 11.84 -15.59
C ILE A 207 -0.73 10.32 -15.71
N VAL A 208 -0.25 9.77 -16.82
CA VAL A 208 -0.18 8.34 -16.94
C VAL A 208 1.29 7.95 -17.00
N VAL A 209 1.74 7.19 -16.02
CA VAL A 209 3.07 6.61 -16.06
C VAL A 209 2.95 5.22 -16.67
N ALA A 210 3.54 5.05 -17.84
CA ALA A 210 3.65 3.76 -18.48
C ALA A 210 5.06 3.21 -18.23
N ASP A 211 5.17 2.31 -17.26
CA ASP A 211 6.45 1.74 -16.85
C ASP A 211 6.54 0.32 -17.42
N LEU A 212 7.26 0.20 -18.53
CA LEU A 212 7.37 -1.07 -19.22
C LEU A 212 8.75 -1.64 -18.93
N GLY A 213 8.78 -2.77 -18.23
CA GLY A 213 10.03 -3.29 -17.71
C GLY A 213 10.41 -4.61 -18.35
N GLY A 214 11.01 -5.50 -17.56
CA GLY A 214 11.59 -6.72 -18.11
C GLY A 214 10.69 -7.91 -17.85
N SER A 215 10.44 -8.19 -16.58
CA SER A 215 9.52 -9.24 -16.19
C SER A 215 8.13 -8.69 -15.89
N ARG A 216 7.93 -7.39 -16.03
CA ARG A 216 6.62 -6.82 -15.76
C ARG A 216 6.43 -5.44 -16.36
N SER A 217 5.16 -5.11 -16.58
CA SER A 217 4.77 -3.75 -16.92
C SER A 217 3.74 -3.25 -15.91
N ASP A 218 3.82 -1.96 -15.60
CA ASP A 218 2.92 -1.33 -14.64
C ASP A 218 2.46 0.02 -15.19
N VAL A 219 1.15 0.22 -15.25
CA VAL A 219 0.63 1.48 -15.72
C VAL A 219 -0.14 2.17 -14.58
N THR A 220 0.20 3.42 -14.32
CA THR A 220 -0.33 4.16 -13.19
C THR A 220 -0.94 5.49 -13.65
N VAL A 221 -2.17 5.77 -13.21
CA VAL A 221 -2.80 7.05 -13.51
C VAL A 221 -2.77 7.90 -12.25
N LEU A 222 -2.14 9.08 -12.33
CA LEU A 222 -2.02 9.95 -11.17
C LEU A 222 -2.62 11.33 -11.38
N ALA A 223 -3.27 11.84 -10.35
CA ALA A 223 -3.72 13.22 -10.35
C ALA A 223 -2.73 14.09 -9.59
N SER A 224 -2.34 15.21 -10.19
CA SER A 224 -1.55 16.21 -9.51
C SER A 224 -2.49 17.33 -9.04
N ARG A 225 -2.58 17.50 -7.73
CA ARG A 225 -3.53 18.44 -7.13
C ARG A 225 -2.87 19.29 -6.07
N SER A 226 -2.68 20.56 -6.38
CA SER A 226 -2.02 21.48 -5.45
C SER A 226 -0.65 20.94 -5.04
N GLY A 227 0.08 20.41 -6.01
CA GLY A 227 1.43 19.94 -5.78
C GLY A 227 1.53 18.50 -5.27
N MET A 228 0.38 17.90 -5.00
CA MET A 228 0.35 16.55 -4.44
C MET A 228 -0.17 15.54 -5.44
N TYR A 229 0.46 14.36 -5.47
CA TYR A 229 0.03 13.31 -6.39
C TYR A 229 -0.82 12.26 -5.69
N THR A 230 -1.94 11.92 -6.32
CA THR A 230 -2.75 10.80 -5.87
C THR A 230 -2.94 9.84 -7.02
N ILE A 231 -2.80 8.56 -6.72
CA ILE A 231 -3.01 7.53 -7.72
C ILE A 231 -4.49 7.23 -7.87
N LEU A 232 -4.98 7.29 -9.11
CA LEU A 232 -6.38 7.05 -9.39
C LEU A 232 -6.66 5.57 -9.68
N ALA A 233 -5.67 4.89 -10.26
CA ALA A 233 -5.81 3.49 -10.64
C ALA A 233 -4.49 2.93 -11.17
N THR A 234 -4.36 1.61 -11.10
CA THR A 234 -3.15 0.95 -11.60
C THR A 234 -3.49 -0.38 -12.26
N VAL A 235 -2.66 -0.76 -13.22
CA VAL A 235 -2.74 -2.09 -13.84
C VAL A 235 -1.35 -2.71 -13.80
N HIS A 236 -1.28 -3.95 -13.30
CA HIS A 236 -0.03 -4.67 -13.23
C HIS A 236 -0.10 -5.82 -14.21
N ASP A 237 0.96 -6.00 -15.01
CA ASP A 237 0.96 -7.11 -15.96
C ASP A 237 2.31 -7.84 -16.02
N TYR A 238 2.24 -9.16 -16.05
CA TYR A 238 3.41 -10.01 -15.97
C TYR A 238 3.59 -10.83 -17.23
N GLU A 239 2.86 -10.45 -18.28
CA GLU A 239 2.91 -11.19 -19.54
C GLU A 239 3.47 -10.35 -20.69
N TYR A 240 3.20 -9.05 -20.63
CA TYR A 240 3.61 -8.12 -21.67
C TYR A 240 4.72 -7.22 -21.17
N HIS A 241 5.94 -7.46 -21.66
CA HIS A 241 7.14 -6.82 -21.11
C HIS A 241 8.33 -7.08 -22.04
N GLY A 242 9.54 -6.69 -21.62
CA GLY A 242 10.73 -6.86 -22.43
C GLY A 242 11.14 -8.32 -22.63
N ILE A 243 10.83 -9.18 -21.67
CA ILE A 243 11.12 -10.61 -21.82
C ILE A 243 10.28 -11.22 -22.93
N ALA A 244 9.03 -10.77 -23.04
CA ALA A 244 8.18 -11.19 -24.14
C ALA A 244 8.77 -10.76 -25.50
N LEU A 245 9.33 -9.56 -25.55
CA LEU A 245 10.01 -9.07 -26.75
C LEU A 245 11.25 -9.89 -27.06
N ASP A 246 12.11 -10.10 -26.05
CA ASP A 246 13.24 -11.01 -26.20
C ASP A 246 12.81 -12.31 -26.88
N LYS A 247 11.69 -12.86 -26.44
CA LYS A 247 11.22 -14.16 -26.92
C LYS A 247 10.82 -14.12 -28.39
N VAL A 248 10.23 -13.01 -28.81
CA VAL A 248 9.91 -12.81 -30.23
C VAL A 248 11.17 -12.96 -31.09
N LEU A 249 12.26 -12.36 -30.63
CA LEU A 249 13.55 -12.44 -31.34
C LEU A 249 14.17 -13.83 -31.26
N ILE A 250 14.09 -14.44 -30.08
CA ILE A 250 14.58 -15.80 -29.89
C ILE A 250 13.93 -16.79 -30.86
N ASP A 251 12.61 -16.75 -30.97
CA ASP A 251 11.92 -17.66 -31.88
C ASP A 251 12.23 -17.31 -33.34
N HIS A 252 12.30 -16.02 -33.63
CA HIS A 252 12.65 -15.56 -34.97
C HIS A 252 14.00 -16.12 -35.43
N PHE A 253 15.03 -15.99 -34.58
CA PHE A 253 16.34 -16.48 -34.98
C PHE A 253 16.54 -17.99 -34.86
N SER A 254 15.82 -18.62 -33.94
CA SER A 254 15.90 -20.08 -33.81
C SER A 254 15.36 -20.72 -35.08
N LYS A 255 14.29 -20.15 -35.61
CA LYS A 255 13.71 -20.66 -36.86
C LYS A 255 14.67 -20.45 -38.04
N GLU A 256 15.28 -19.27 -38.11
CA GLU A 256 16.35 -19.03 -39.11
C GLU A 256 17.49 -20.05 -38.98
N PHE A 257 18.01 -20.24 -37.77
CA PHE A 257 19.07 -21.22 -37.55
C PHE A 257 18.71 -22.64 -38.02
N LEU A 258 17.51 -23.07 -37.66
CA LEU A 258 17.03 -24.40 -38.06
C LEU A 258 16.84 -24.54 -39.56
N LYS A 259 16.42 -23.45 -40.21
CA LYS A 259 16.20 -23.45 -41.65
C LYS A 259 17.55 -23.54 -42.36
N LYS A 260 18.54 -22.88 -41.79
CA LYS A 260 19.87 -22.80 -42.39
C LYS A 260 20.69 -24.04 -42.06
N ASN A 261 20.26 -24.78 -41.05
CA ASN A 261 20.99 -25.96 -40.63
C ASN A 261 20.07 -27.17 -40.47
N PRO A 262 19.60 -27.72 -41.61
CA PRO A 262 18.67 -28.86 -41.55
C PRO A 262 19.22 -29.98 -40.68
N GLY A 263 18.41 -30.48 -39.75
CA GLY A 263 18.86 -31.59 -38.91
C GLY A 263 19.52 -31.22 -37.60
N ALA A 264 19.93 -29.95 -37.46
CA ALA A 264 20.53 -29.51 -36.22
C ALA A 264 19.47 -29.46 -35.12
N LYS A 265 19.88 -29.62 -33.87
CA LYS A 265 18.95 -29.60 -32.76
C LYS A 265 18.42 -28.19 -32.50
N ASP A 266 17.22 -28.10 -31.94
CA ASP A 266 16.59 -26.82 -31.61
C ASP A 266 17.32 -26.20 -30.42
N PRO A 267 17.95 -25.03 -30.64
CA PRO A 267 18.77 -24.47 -29.56
C PRO A 267 17.90 -24.01 -28.37
N ARG A 268 16.60 -23.85 -28.57
CA ARG A 268 15.70 -23.45 -27.48
C ARG A 268 15.46 -24.60 -26.50
N GLU A 269 15.74 -25.83 -26.94
CA GLU A 269 15.49 -27.00 -26.09
C GLU A 269 16.76 -27.47 -25.40
N ASN A 270 17.81 -26.67 -25.52
CA ASN A 270 19.03 -26.93 -24.79
C ASN A 270 19.28 -25.74 -23.88
N PRO A 271 19.28 -25.97 -22.55
CA PRO A 271 19.35 -24.85 -21.62
C PRO A 271 20.55 -23.94 -21.87
N ARG A 272 21.70 -24.52 -22.17
CA ARG A 272 22.89 -23.73 -22.46
C ARG A 272 22.73 -22.88 -23.71
N SER A 273 22.20 -23.48 -24.77
CA SER A 273 21.99 -22.76 -26.02
C SER A 273 20.94 -21.67 -25.82
N LEU A 274 19.94 -21.97 -25.01
CA LEU A 274 18.89 -21.01 -24.73
C LEU A 274 19.41 -19.81 -23.93
N ALA A 275 20.27 -20.06 -22.94
CA ALA A 275 20.89 -18.95 -22.21
C ALA A 275 21.67 -18.02 -23.14
N LYS A 276 22.41 -18.60 -24.08
CA LYS A 276 23.12 -17.78 -25.07
C LYS A 276 22.16 -16.98 -25.96
N LEU A 277 21.05 -17.61 -26.36
CA LEU A 277 20.06 -16.93 -27.20
C LEU A 277 19.40 -15.76 -26.45
N ARG A 278 19.10 -15.94 -25.18
CA ARG A 278 18.49 -14.88 -24.37
C ARG A 278 19.37 -13.63 -24.36
N LEU A 279 20.65 -13.83 -24.07
CA LEU A 279 21.58 -12.71 -23.97
C LEU A 279 21.72 -11.96 -25.30
N GLU A 280 21.90 -12.71 -26.38
CA GLU A 280 22.12 -12.07 -27.67
C GLU A 280 20.86 -11.36 -28.17
N ALA A 281 19.70 -11.99 -27.95
CA ALA A 281 18.43 -11.40 -28.39
C ALA A 281 18.18 -10.06 -27.68
N GLU A 282 18.50 -10.01 -26.39
CA GLU A 282 18.32 -8.76 -25.65
C GLU A 282 19.20 -7.68 -26.25
N SER A 283 20.45 -8.06 -26.52
CA SER A 283 21.43 -7.16 -27.12
C SER A 283 20.91 -6.59 -28.44
N THR A 284 20.42 -7.47 -29.28
CA THR A 284 19.91 -7.13 -30.61
C THR A 284 18.69 -6.19 -30.49
N LYS A 285 17.77 -6.57 -29.61
CA LYS A 285 16.62 -5.72 -29.25
C LYS A 285 17.02 -4.30 -28.88
N ARG A 286 17.97 -4.16 -27.97
CA ARG A 286 18.39 -2.83 -27.55
C ARG A 286 19.09 -2.07 -28.67
N ALA A 287 19.80 -2.78 -29.54
CA ALA A 287 20.44 -2.12 -30.68
C ALA A 287 19.39 -1.47 -31.59
N LEU A 288 18.25 -2.13 -31.73
CA LEU A 288 17.22 -1.67 -32.65
C LEU A 288 16.44 -0.47 -32.10
N SER A 289 16.72 -0.09 -30.85
CA SER A 289 16.12 1.11 -30.29
C SER A 289 16.94 2.32 -30.69
N ARG A 290 18.21 2.11 -31.01
CA ARG A 290 19.05 3.25 -31.35
C ARG A 290 19.46 3.33 -32.81
N SER A 291 19.28 2.23 -33.55
CA SER A 291 19.52 2.23 -34.98
C SER A 291 18.50 1.35 -35.71
N THR A 292 18.44 1.44 -37.03
CA THR A 292 17.41 0.74 -37.80
C THR A 292 17.82 -0.63 -38.29
N ASN A 293 19.06 -1.01 -38.01
CA ASN A 293 19.55 -2.34 -38.40
C ASN A 293 20.41 -2.89 -37.28
N ALA A 294 20.34 -4.20 -37.05
CA ALA A 294 21.11 -4.82 -35.99
C ALA A 294 21.51 -6.25 -36.33
N SER A 295 22.67 -6.67 -35.83
CA SER A 295 23.12 -8.04 -36.02
C SER A 295 22.75 -8.94 -34.84
N PHE A 296 22.71 -10.24 -35.11
CA PHE A 296 22.48 -11.25 -34.09
C PHE A 296 23.46 -12.38 -34.39
N SER A 297 24.34 -12.69 -33.45
CA SER A 297 25.29 -13.78 -33.67
C SER A 297 25.67 -14.47 -32.39
N VAL A 298 25.76 -15.79 -32.46
CA VAL A 298 26.22 -16.62 -31.35
C VAL A 298 27.22 -17.64 -31.88
N GLU A 299 28.44 -17.62 -31.36
CA GLU A 299 29.39 -18.68 -31.66
C GLU A 299 29.05 -19.94 -30.87
N SER A 300 29.27 -21.11 -31.48
CA SER A 300 29.00 -22.37 -30.81
C SER A 300 27.63 -22.36 -30.15
N LEU A 301 26.60 -21.98 -30.90
CA LEU A 301 25.25 -21.93 -30.37
C LEU A 301 24.80 -23.30 -29.89
N ILE A 302 24.94 -24.28 -30.78
CA ILE A 302 24.58 -25.64 -30.44
C ILE A 302 25.30 -26.61 -31.37
N ASP A 303 25.60 -27.79 -30.85
CA ASP A 303 26.37 -28.81 -31.57
C ASP A 303 27.54 -28.28 -32.39
N GLY A 304 28.25 -27.31 -31.82
CA GLY A 304 29.45 -26.76 -32.42
C GLY A 304 29.19 -25.77 -33.55
N LEU A 305 27.94 -25.51 -33.87
CA LEU A 305 27.58 -24.64 -34.99
C LEU A 305 27.47 -23.17 -34.61
N ASP A 306 28.14 -22.31 -35.37
CA ASP A 306 27.97 -20.86 -35.22
C ASP A 306 26.71 -20.40 -35.93
N PHE A 307 26.17 -19.26 -35.49
CA PHE A 307 25.06 -18.62 -36.19
C PHE A 307 25.24 -17.11 -36.27
N ALA A 308 25.00 -16.54 -37.44
CA ALA A 308 24.96 -15.08 -37.54
C ALA A 308 23.94 -14.59 -38.55
N SER A 309 23.17 -13.57 -38.17
CA SER A 309 22.18 -12.99 -39.05
C SER A 309 21.95 -11.53 -38.68
N THR A 310 20.93 -10.92 -39.29
CA THR A 310 20.57 -9.53 -39.00
C THR A 310 19.05 -9.38 -39.05
N ILE A 311 18.55 -8.27 -38.53
CA ILE A 311 17.13 -7.94 -38.61
C ILE A 311 17.01 -6.43 -38.53
N ASN A 312 16.12 -5.84 -39.32
CA ASN A 312 15.96 -4.39 -39.28
C ASN A 312 14.76 -3.99 -38.43
N ARG A 313 14.66 -2.72 -38.07
CA ARG A 313 13.61 -2.25 -37.16
C ARG A 313 12.22 -2.51 -37.73
N LEU A 314 12.05 -2.32 -39.04
CA LEU A 314 10.76 -2.59 -39.67
C LEU A 314 10.32 -4.04 -39.45
N ARG A 315 11.24 -4.97 -39.69
CA ARG A 315 10.91 -6.39 -39.52
C ARG A 315 10.65 -6.74 -38.06
N TYR A 316 11.44 -6.15 -37.16
CA TYR A 316 11.25 -6.40 -35.74
C TYR A 316 9.86 -5.95 -35.30
N GLU A 317 9.52 -4.71 -35.61
CA GLU A 317 8.22 -4.17 -35.24
C GLU A 317 7.09 -5.06 -35.74
N THR A 318 7.28 -5.67 -36.90
CA THR A 318 6.27 -6.56 -37.46
C THR A 318 6.04 -7.81 -36.62
N ILE A 319 7.13 -8.47 -36.22
CA ILE A 319 7.00 -9.71 -35.45
C ILE A 319 6.64 -9.45 -33.98
N ALA A 320 6.88 -8.22 -33.52
CA ALA A 320 6.61 -7.82 -32.14
C ALA A 320 5.25 -7.14 -31.96
N ARG A 321 4.47 -7.02 -33.05
CA ARG A 321 3.27 -6.19 -32.99
C ARG A 321 2.26 -6.63 -31.94
N THR A 322 2.12 -7.94 -31.75
CA THR A 322 1.21 -8.51 -30.78
C THR A 322 1.56 -8.15 -29.33
N VAL A 323 2.85 -8.11 -29.02
CA VAL A 323 3.29 -7.64 -27.72
C VAL A 323 3.03 -6.14 -27.59
N PHE A 324 3.32 -5.39 -28.64
CA PHE A 324 3.16 -3.93 -28.65
C PHE A 324 1.72 -3.51 -28.41
N GLU A 325 0.80 -4.38 -28.81
CA GLU A 325 -0.62 -4.11 -28.67
C GLU A 325 -1.08 -4.52 -27.29
N GLY A 326 -0.30 -5.36 -26.63
CA GLY A 326 -0.57 -5.69 -25.25
C GLY A 326 -0.37 -4.44 -24.42
N PHE A 327 0.69 -3.70 -24.72
CA PHE A 327 1.02 -2.48 -23.99
C PHE A 327 -0.10 -1.43 -24.15
N ASN A 328 -0.66 -1.35 -25.35
CA ASN A 328 -1.74 -0.39 -25.61
C ASN A 328 -2.91 -0.63 -24.67
N ARG A 329 -3.36 -1.87 -24.59
CA ARG A 329 -4.51 -2.22 -23.79
C ARG A 329 -4.27 -2.10 -22.30
N LEU A 330 -3.01 -2.17 -21.89
CA LEU A 330 -2.68 -1.97 -20.48
C LEU A 330 -2.94 -0.52 -20.15
N VAL A 331 -2.45 0.36 -21.00
CA VAL A 331 -2.65 1.79 -20.82
C VAL A 331 -4.14 2.13 -20.89
N GLU A 332 -4.85 1.55 -21.86
CA GLU A 332 -6.29 1.76 -22.00
C GLU A 332 -7.06 1.23 -20.80
N SER A 333 -6.70 0.03 -20.35
CA SER A 333 -7.31 -0.53 -19.14
C SER A 333 -7.18 0.46 -17.98
N ALA A 334 -5.98 1.01 -17.82
CA ALA A 334 -5.68 1.90 -16.70
C ALA A 334 -6.50 3.19 -16.71
N VAL A 335 -6.50 3.88 -17.84
CA VAL A 335 -7.25 5.13 -17.98
C VAL A 335 -8.73 4.89 -17.68
N LYS A 336 -9.28 3.84 -18.25
CA LYS A 336 -10.67 3.48 -18.02
C LYS A 336 -10.92 3.06 -16.58
N LYS A 337 -9.91 2.47 -15.96
CA LYS A 337 -10.01 2.00 -14.58
C LYS A 337 -10.11 3.19 -13.64
N ALA A 338 -9.55 4.32 -14.07
CA ALA A 338 -9.55 5.52 -13.27
C ALA A 338 -10.88 6.26 -13.45
N GLY A 339 -11.71 5.73 -14.33
CA GLY A 339 -12.96 6.36 -14.71
C GLY A 339 -12.73 7.54 -15.63
N LEU A 340 -11.70 7.45 -16.47
CA LEU A 340 -11.34 8.55 -17.36
C LEU A 340 -11.41 8.16 -18.83
N ASP A 341 -11.15 9.15 -19.69
CA ASP A 341 -11.06 8.96 -21.12
C ASP A 341 -9.73 9.57 -21.55
N PRO A 342 -9.11 9.02 -22.59
CA PRO A 342 -7.80 9.48 -23.05
C PRO A 342 -7.71 11.01 -23.13
N LEU A 343 -8.83 11.66 -23.46
CA LEU A 343 -8.86 13.12 -23.53
C LEU A 343 -8.42 13.75 -22.21
N ASP A 344 -8.75 13.08 -21.11
CA ASP A 344 -8.51 13.60 -19.77
C ASP A 344 -7.03 13.65 -19.39
N VAL A 345 -6.21 12.84 -20.06
CA VAL A 345 -4.80 12.76 -19.73
C VAL A 345 -4.00 13.94 -20.30
N ASP A 346 -3.20 14.55 -19.44
CA ASP A 346 -2.36 15.67 -19.87
C ASP A 346 -0.95 15.24 -20.26
N GLU A 347 -0.45 14.19 -19.62
CA GLU A 347 0.88 13.68 -19.93
C GLU A 347 0.94 12.16 -19.83
N VAL A 348 1.72 11.56 -20.73
CA VAL A 348 2.08 10.15 -20.59
C VAL A 348 3.59 10.09 -20.41
N ILE A 349 4.03 9.68 -19.23
CA ILE A 349 5.46 9.55 -18.97
C ILE A 349 5.88 8.12 -19.28
N MET A 350 6.84 7.98 -20.19
CA MET A 350 7.31 6.65 -20.56
C MET A 350 8.54 6.27 -19.75
N SER A 351 8.39 5.20 -18.97
CA SER A 351 9.37 4.85 -17.98
C SER A 351 9.74 3.39 -18.20
N GLY A 352 10.88 2.99 -17.66
CA GLY A 352 11.31 1.61 -17.74
C GLY A 352 12.13 1.38 -19.01
N GLY A 353 12.93 0.32 -19.01
CA GLY A 353 13.87 0.09 -20.11
C GLY A 353 13.17 -0.12 -21.44
N THR A 354 12.02 -0.77 -21.40
CA THR A 354 11.29 -1.10 -22.61
C THR A 354 10.65 0.14 -23.26
N SER A 355 10.45 1.19 -22.46
CA SER A 355 10.01 2.49 -22.97
C SER A 355 11.05 3.17 -23.86
N ASN A 356 12.23 2.57 -23.98
CA ASN A 356 13.22 3.07 -24.93
C ASN A 356 12.87 2.75 -26.38
N THR A 357 11.92 1.85 -26.56
CA THR A 357 11.53 1.39 -27.90
C THR A 357 10.80 2.47 -28.69
N PRO A 358 11.42 2.99 -29.76
CA PRO A 358 10.83 4.08 -30.56
C PRO A 358 9.38 3.84 -30.94
N ARG A 359 9.07 2.64 -31.41
CA ARG A 359 7.73 2.31 -31.89
C ARG A 359 6.64 2.53 -30.84
N ILE A 360 6.92 2.13 -29.60
CA ILE A 360 5.94 2.24 -28.54
C ILE A 360 5.55 3.72 -28.33
N ALA A 361 6.55 4.60 -28.31
CA ALA A 361 6.29 6.03 -28.21
C ALA A 361 5.33 6.45 -29.31
N ALA A 362 5.62 6.04 -30.53
CA ALA A 362 4.76 6.33 -31.67
C ALA A 362 3.34 5.81 -31.46
N ASN A 363 3.23 4.58 -30.95
CA ASN A 363 1.92 3.98 -30.73
C ASN A 363 1.06 4.71 -29.69
N PHE A 364 1.71 5.22 -28.65
CA PHE A 364 0.99 5.99 -27.63
C PHE A 364 0.59 7.38 -28.15
N ARG A 365 1.51 8.03 -28.86
CA ARG A 365 1.23 9.34 -29.47
C ARG A 365 0.00 9.28 -30.38
N TYR A 366 -0.28 8.10 -30.92
CA TYR A 366 -1.45 7.90 -31.76
C TYR A 366 -2.71 7.83 -30.92
N ILE A 367 -2.61 7.18 -29.76
CA ILE A 367 -3.78 6.90 -28.92
C ILE A 367 -4.30 8.14 -28.21
N PHE A 368 -3.40 9.04 -27.81
CA PHE A 368 -3.78 10.24 -27.09
C PHE A 368 -3.92 11.43 -28.02
N PRO A 369 -4.90 12.29 -27.76
CA PRO A 369 -5.13 13.50 -28.56
C PRO A 369 -3.91 14.43 -28.49
N GLU A 370 -3.85 15.41 -29.39
CA GLU A 370 -2.73 16.33 -29.47
C GLU A 370 -2.52 17.12 -28.18
N SER A 371 -3.60 17.29 -27.43
CA SER A 371 -3.53 17.96 -26.15
C SER A 371 -2.76 17.12 -25.13
N THR A 372 -2.88 15.79 -25.23
CA THR A 372 -2.02 14.90 -24.44
C THR A 372 -0.54 15.00 -24.89
N ARG A 373 0.36 15.03 -23.92
CA ARG A 373 1.79 15.08 -24.17
C ARG A 373 2.43 13.71 -23.96
N ILE A 374 3.29 13.29 -24.88
CA ILE A 374 4.00 11.99 -24.77
C ILE A 374 5.47 12.17 -24.44
N LEU A 375 5.82 11.99 -23.18
CA LEU A 375 7.21 12.20 -22.77
C LEU A 375 8.06 10.97 -23.02
N ALA A 376 8.59 10.91 -24.23
CA ALA A 376 9.53 9.89 -24.66
C ALA A 376 10.56 10.58 -25.54
N PRO A 377 11.80 10.07 -25.57
CA PRO A 377 12.91 10.72 -26.29
C PRO A 377 12.54 11.21 -27.69
N SER A 378 11.69 10.45 -28.38
CA SER A 378 11.40 10.70 -29.79
C SER A 378 10.15 11.55 -30.04
N THR A 379 9.30 11.70 -29.02
CA THR A 379 8.06 12.46 -29.22
C THR A 379 7.94 13.65 -28.29
N ASP A 380 9.05 14.06 -27.69
CA ASP A 380 9.04 15.27 -26.88
C ASP A 380 10.45 15.80 -26.64
N PRO A 381 10.66 17.09 -26.97
CA PRO A 381 11.94 17.79 -26.84
C PRO A 381 12.49 17.78 -25.42
N SER A 382 11.60 17.64 -24.43
CA SER A 382 12.00 17.72 -23.03
C SER A 382 12.12 16.36 -22.37
N ALA A 383 11.88 15.29 -23.14
CA ALA A 383 11.91 13.93 -22.61
C ALA A 383 13.25 13.54 -22.00
N LEU A 384 13.21 12.69 -20.98
CA LEU A 384 14.41 12.14 -20.37
C LEU A 384 14.59 10.66 -20.73
N ASN A 385 15.78 10.13 -20.45
CA ASN A 385 16.05 8.71 -20.64
C ASN A 385 15.16 7.88 -19.74
N PRO A 386 14.26 7.09 -20.35
CA PRO A 386 13.28 6.24 -19.66
C PRO A 386 13.90 5.34 -18.59
N SER A 387 15.15 4.93 -18.78
CA SER A 387 15.78 3.98 -17.87
C SER A 387 16.35 4.64 -16.63
N GLU A 388 16.45 5.96 -16.64
CA GLU A 388 17.03 6.69 -15.52
C GLU A 388 15.98 7.39 -14.67
N LEU A 389 14.74 7.43 -15.13
CA LEU A 389 13.72 8.24 -14.46
C LEU A 389 13.58 7.89 -12.98
N GLN A 390 13.51 6.59 -12.69
CA GLN A 390 13.22 6.16 -11.32
C GLN A 390 14.36 6.49 -10.35
N ALA A 391 15.58 6.18 -10.75
CA ALA A 391 16.75 6.43 -9.91
C ALA A 391 16.93 7.94 -9.68
N ARG A 392 16.64 8.72 -10.71
CA ARG A 392 16.75 10.17 -10.60
C ARG A 392 15.76 10.72 -9.58
N GLY A 393 14.49 10.34 -9.73
CA GLY A 393 13.46 10.66 -8.75
C GLY A 393 13.84 10.29 -7.33
N ALA A 394 14.31 9.06 -7.12
CA ALA A 394 14.77 8.67 -5.79
C ALA A 394 15.86 9.60 -5.26
N ALA A 395 16.87 9.87 -6.09
CA ALA A 395 17.97 10.76 -5.70
C ALA A 395 17.46 12.16 -5.32
N LEU A 396 16.54 12.70 -6.10
CA LEU A 396 15.95 14.00 -5.82
C LEU A 396 15.20 14.01 -4.47
N GLN A 397 14.42 12.97 -4.22
CA GLN A 397 13.72 12.85 -2.95
C GLN A 397 14.67 12.73 -1.76
N ALA A 398 15.78 11.99 -1.93
CA ALA A 398 16.74 11.82 -0.84
C ALA A 398 17.34 13.15 -0.41
N SER A 399 17.59 14.02 -1.39
CA SER A 399 18.16 15.33 -1.11
C SER A 399 17.16 16.29 -0.47
N LEU A 400 15.91 16.23 -0.93
CA LEU A 400 14.85 17.02 -0.30
C LEU A 400 14.74 16.69 1.19
N ILE A 401 14.85 15.40 1.50
CA ILE A 401 14.80 14.95 2.87
C ILE A 401 16.02 15.43 3.65
N GLN A 402 17.19 15.35 3.03
CA GLN A 402 18.42 15.72 3.74
C GLN A 402 18.38 17.19 4.11
N GLU A 403 17.76 18.01 3.27
CA GLU A 403 17.63 19.44 3.56
C GLU A 403 16.29 19.72 4.23
N GLU B 12 -10.60 28.23 -6.34
CA GLU B 12 -10.47 28.49 -4.91
C GLU B 12 -10.94 27.29 -4.08
N ARG B 13 -9.99 26.46 -3.69
CA ARG B 13 -10.28 25.27 -2.89
C ARG B 13 -10.68 25.61 -1.46
N VAL B 14 -11.51 24.76 -0.88
CA VAL B 14 -11.87 24.89 0.51
C VAL B 14 -11.62 23.50 1.09
N VAL B 15 -10.63 23.36 1.96
CA VAL B 15 -10.11 22.05 2.31
C VAL B 15 -10.40 21.64 3.74
N ILE B 16 -10.57 20.35 3.95
CA ILE B 16 -10.71 19.81 5.29
C ILE B 16 -9.95 18.49 5.37
N GLY B 17 -9.82 17.98 6.59
CA GLY B 17 -9.33 16.61 6.77
C GLY B 17 -10.51 15.74 7.15
N ILE B 18 -10.49 14.49 6.71
CA ILE B 18 -11.56 13.54 7.01
C ILE B 18 -10.96 12.24 7.54
N THR B 19 -11.53 11.73 8.62
CA THR B 19 -11.19 10.37 9.05
C THR B 19 -12.48 9.56 8.93
N PHE B 20 -12.37 8.40 8.28
CA PHE B 20 -13.54 7.63 7.80
C PHE B 20 -13.30 6.20 8.24
N GLY B 21 -13.88 5.81 9.37
CA GLY B 21 -13.61 4.52 10.01
C GLY B 21 -14.82 3.61 9.98
N ASN B 22 -14.67 2.35 10.42
CA ASN B 22 -15.81 1.43 10.37
C ASN B 22 -16.89 1.76 11.39
N SER B 23 -16.51 2.37 12.50
CA SER B 23 -17.49 2.70 13.56
C SER B 23 -17.91 4.17 13.48
N ASN B 24 -16.91 5.04 13.42
CA ASN B 24 -17.13 6.49 13.44
C ASN B 24 -16.31 7.20 12.36
N SER B 25 -16.70 8.44 12.09
CA SER B 25 -15.97 9.34 11.22
C SER B 25 -15.80 10.71 11.89
N SER B 26 -14.91 11.52 11.33
CA SER B 26 -14.66 12.83 11.91
C SER B 26 -14.14 13.78 10.84
N ILE B 27 -14.37 15.07 11.07
CA ILE B 27 -13.97 16.10 10.12
C ILE B 27 -13.23 17.20 10.87
N ALA B 28 -12.24 17.81 10.23
CA ALA B 28 -11.48 18.89 10.85
C ALA B 28 -11.00 19.89 9.83
N HIS B 29 -10.62 21.08 10.31
CA HIS B 29 -10.00 22.06 9.44
C HIS B 29 -8.95 22.79 10.25
N THR B 30 -8.23 23.71 9.64
CA THR B 30 -7.27 24.49 10.41
C THR B 30 -7.73 25.94 10.42
N VAL B 31 -7.61 26.57 11.56
CA VAL B 31 -7.98 27.97 11.67
C VAL B 31 -6.73 28.69 12.08
N ASP B 32 -6.24 29.53 11.17
CA ASP B 32 -4.93 30.14 11.33
C ASP B 32 -3.92 29.01 11.39
N ASP B 33 -3.30 28.83 12.55
CA ASP B 33 -2.25 27.83 12.65
C ASP B 33 -2.77 26.40 12.94
N LYS B 34 -3.81 26.29 13.76
CA LYS B 34 -4.10 25.03 14.44
C LYS B 34 -5.31 24.23 13.93
N ALA B 35 -5.23 22.91 14.09
CA ALA B 35 -6.34 22.04 13.71
C ALA B 35 -7.50 22.09 14.71
N GLU B 36 -8.72 22.08 14.19
CA GLU B 36 -9.91 21.97 15.03
C GLU B 36 -10.93 21.00 14.42
N VAL B 37 -11.39 20.05 15.23
CA VAL B 37 -12.40 19.08 14.81
C VAL B 37 -13.77 19.76 14.78
N ILE B 38 -14.54 19.45 13.74
CA ILE B 38 -15.82 20.09 13.49
C ILE B 38 -16.97 19.21 13.98
N ALA B 39 -17.90 19.75 14.76
CA ALA B 39 -19.10 18.99 15.12
C ALA B 39 -20.10 18.99 13.98
N ASN B 40 -20.95 17.97 13.89
CA ASN B 40 -21.95 17.96 12.83
C ASN B 40 -23.27 18.55 13.32
N GLU B 41 -24.32 18.42 12.51
CA GLU B 41 -25.63 18.98 12.85
C GLU B 41 -26.17 18.48 14.20
N ASP B 42 -25.76 17.28 14.61
CA ASP B 42 -26.22 16.67 15.85
C ASP B 42 -25.37 17.13 17.04
N GLY B 43 -24.35 17.94 16.79
CA GLY B 43 -23.38 18.28 17.82
C GLY B 43 -22.28 17.25 18.06
N ASP B 44 -22.20 16.24 17.20
CA ASP B 44 -21.22 15.15 17.36
C ASP B 44 -19.88 15.47 16.69
N ARG B 45 -18.79 15.27 17.43
CA ARG B 45 -17.44 15.27 16.87
C ARG B 45 -16.97 13.87 16.45
N GLN B 46 -17.59 12.85 17.03
CA GLN B 46 -17.35 11.48 16.61
C GLN B 46 -18.67 10.99 16.03
N ILE B 47 -18.70 10.85 14.72
CA ILE B 47 -19.95 10.70 13.99
C ILE B 47 -20.11 9.27 13.50
N PRO B 48 -21.15 8.56 13.98
CA PRO B 48 -21.18 7.16 13.57
C PRO B 48 -21.14 6.97 12.05
N THR B 49 -20.41 5.96 11.61
CA THR B 49 -20.36 5.65 10.19
C THR B 49 -21.52 4.72 9.81
N ILE B 50 -22.70 5.30 9.77
CA ILE B 50 -23.95 4.55 9.59
C ILE B 50 -24.86 5.38 8.71
N LEU B 51 -25.62 4.71 7.86
CA LEU B 51 -26.59 5.35 6.96
C LEU B 51 -27.88 4.58 7.10
N SER B 52 -29.02 5.27 7.07
CA SER B 52 -30.31 4.61 7.26
C SER B 52 -31.39 5.37 6.52
N TYR B 53 -32.45 4.65 6.16
CA TYR B 53 -33.59 5.24 5.47
C TYR B 53 -34.88 4.85 6.14
N VAL B 54 -35.74 5.83 6.34
CA VAL B 54 -37.11 5.60 6.81
C VAL B 54 -38.06 6.52 6.04
N ASP B 55 -39.09 5.95 5.43
CA ASP B 55 -40.08 6.75 4.70
C ASP B 55 -39.44 7.58 3.59
N GLY B 56 -38.36 7.05 3.02
CA GLY B 56 -37.68 7.72 1.93
C GLY B 56 -36.78 8.84 2.38
N ASP B 57 -36.66 9.04 3.69
CA ASP B 57 -35.76 10.07 4.22
C ASP B 57 -34.40 9.43 4.57
N GLU B 58 -33.32 10.15 4.29
CA GLU B 58 -31.97 9.63 4.52
C GLU B 58 -31.41 10.16 5.85
N TYR B 59 -30.92 9.26 6.68
CA TYR B 59 -30.27 9.61 7.94
C TYR B 59 -28.81 9.13 8.00
N TYR B 60 -27.96 9.86 8.72
CA TYR B 60 -26.59 9.36 8.95
C TYR B 60 -26.15 9.68 10.35
N GLY B 61 -24.97 9.21 10.74
CA GLY B 61 -24.46 9.48 12.07
C GLY B 61 -25.35 8.98 13.18
N GLN B 62 -25.48 9.78 14.25
CA GLN B 62 -26.23 9.29 15.40
C GLN B 62 -27.72 9.02 15.10
N GLN B 63 -28.36 9.88 14.31
CA GLN B 63 -29.76 9.62 13.94
C GLN B 63 -29.93 8.28 13.24
N ALA B 64 -28.99 7.93 12.36
CA ALA B 64 -29.03 6.61 11.73
C ALA B 64 -28.76 5.49 12.75
N LYS B 65 -27.78 5.72 13.64
CA LYS B 65 -27.47 4.76 14.70
C LYS B 65 -28.70 4.45 15.59
N ASN B 66 -29.54 5.46 15.79
CA ASN B 66 -30.77 5.33 16.58
C ASN B 66 -31.88 4.61 15.82
N PHE B 67 -31.57 4.14 14.61
CA PHE B 67 -32.51 3.33 13.86
C PHE B 67 -32.10 1.84 13.81
N LEU B 68 -30.94 1.51 14.40
CA LEU B 68 -30.46 0.12 14.38
C LEU B 68 -31.44 -0.85 15.02
N VAL B 69 -32.02 -0.45 16.14
CA VAL B 69 -32.93 -1.34 16.86
C VAL B 69 -34.21 -1.59 16.06
N ARG B 70 -34.86 -0.51 15.60
CA ARG B 70 -36.19 -0.65 14.99
C ARG B 70 -36.18 -0.85 13.48
N ASN B 71 -35.07 -0.51 12.84
CA ASN B 71 -35.01 -0.49 11.39
C ASN B 71 -33.72 -1.14 10.88
N PRO B 72 -33.38 -2.34 11.38
CA PRO B 72 -32.06 -2.93 11.08
C PRO B 72 -31.83 -3.25 9.60
N LYS B 73 -32.88 -3.67 8.90
CA LYS B 73 -32.72 -4.12 7.51
C LYS B 73 -32.46 -2.97 6.53
N ASN B 74 -32.82 -1.75 6.92
CA ASN B 74 -32.62 -0.59 6.06
C ASN B 74 -31.54 0.34 6.59
N THR B 75 -30.65 -0.21 7.40
CA THR B 75 -29.56 0.54 7.99
C THR B 75 -28.26 -0.17 7.58
N VAL B 76 -27.28 0.58 7.08
CA VAL B 76 -26.00 0.01 6.71
C VAL B 76 -24.94 0.55 7.67
N ALA B 77 -24.20 -0.36 8.29
CA ALA B 77 -23.13 0.00 9.20
C ALA B 77 -21.88 -0.81 8.91
N TYR B 78 -20.79 -0.53 9.62
CA TYR B 78 -19.54 -1.27 9.46
C TYR B 78 -19.22 -1.61 8.02
N PHE B 79 -19.18 -0.59 7.16
CA PHE B 79 -19.01 -0.81 5.74
C PHE B 79 -17.71 -0.20 5.19
N ARG B 80 -17.00 0.56 6.04
CA ARG B 80 -15.76 1.19 5.63
C ARG B 80 -14.80 0.17 5.02
N ASP B 81 -14.57 -0.94 5.74
CA ASP B 81 -13.60 -1.95 5.32
C ASP B 81 -14.11 -2.81 4.17
N ILE B 82 -15.42 -2.74 3.92
CA ILE B 82 -16.01 -3.47 2.80
C ILE B 82 -15.73 -2.77 1.46
N LEU B 83 -15.57 -1.45 1.51
CA LEU B 83 -15.29 -0.68 0.30
C LEU B 83 -14.04 -1.22 -0.41
N GLY B 84 -14.17 -1.48 -1.70
CA GLY B 84 -13.05 -1.96 -2.49
C GLY B 84 -12.68 -3.43 -2.29
N GLN B 85 -13.38 -4.14 -1.41
CA GLN B 85 -13.07 -5.54 -1.13
C GLN B 85 -13.79 -6.47 -2.09
N ASP B 86 -13.14 -7.59 -2.44
CA ASP B 86 -13.82 -8.66 -3.15
C ASP B 86 -14.81 -9.34 -2.20
N PHE B 87 -15.97 -9.72 -2.70
CA PHE B 87 -16.99 -10.31 -1.83
C PHE B 87 -16.44 -11.43 -0.96
N LYS B 88 -15.62 -12.30 -1.55
CA LYS B 88 -15.06 -13.43 -0.82
C LYS B 88 -14.15 -13.04 0.35
N SER B 89 -13.64 -11.82 0.34
CA SER B 89 -12.76 -11.37 1.42
C SER B 89 -13.55 -10.79 2.60
N VAL B 90 -14.82 -10.46 2.34
CA VAL B 90 -15.63 -9.75 3.32
C VAL B 90 -16.00 -10.62 4.51
N ASP B 91 -15.78 -10.11 5.72
CA ASP B 91 -16.34 -10.76 6.90
C ASP B 91 -17.60 -9.99 7.36
N PRO B 92 -18.77 -10.62 7.21
CA PRO B 92 -20.06 -9.95 7.43
C PRO B 92 -20.49 -9.96 8.89
N THR B 93 -19.61 -10.38 9.79
CA THR B 93 -19.96 -10.55 11.20
C THR B 93 -20.63 -9.32 11.81
N HIS B 94 -20.00 -8.17 11.66
CA HIS B 94 -20.53 -6.95 12.28
C HIS B 94 -21.76 -6.39 11.57
N ASN B 95 -22.06 -6.90 10.38
CA ASN B 95 -23.23 -6.44 9.63
C ASN B 95 -24.45 -7.30 9.92
N HIS B 96 -24.27 -8.40 10.65
CA HIS B 96 -25.35 -9.37 10.86
C HIS B 96 -26.58 -8.71 11.48
N ALA B 97 -26.34 -7.75 12.37
CA ALA B 97 -27.39 -6.98 13.04
C ALA B 97 -28.08 -5.93 12.17
N SER B 98 -27.47 -5.58 11.04
CA SER B 98 -28.04 -4.60 10.11
C SER B 98 -28.16 -5.18 8.70
N ALA B 99 -28.10 -4.33 7.69
CA ALA B 99 -28.18 -4.83 6.32
C ALA B 99 -26.99 -5.72 6.00
N HIS B 100 -27.27 -6.91 5.48
CA HIS B 100 -26.25 -7.88 5.10
C HIS B 100 -25.62 -7.57 3.76
N PRO B 101 -24.28 -7.56 3.70
CA PRO B 101 -23.63 -7.41 2.40
C PRO B 101 -23.91 -8.63 1.53
N GLN B 102 -24.10 -8.37 0.25
CA GLN B 102 -24.49 -9.41 -0.69
C GLN B 102 -23.57 -9.40 -1.91
N GLU B 103 -23.33 -10.59 -2.45
CA GLU B 103 -22.55 -10.72 -3.67
C GLU B 103 -23.39 -10.31 -4.87
N ALA B 104 -22.83 -9.46 -5.73
CA ALA B 104 -23.52 -9.07 -6.95
C ALA B 104 -22.54 -8.90 -8.09
N GLY B 105 -22.14 -10.00 -8.69
CA GLY B 105 -21.18 -9.98 -9.78
C GLY B 105 -19.81 -9.55 -9.30
N ASP B 106 -19.35 -8.40 -9.81
CA ASP B 106 -18.05 -7.83 -9.45
C ASP B 106 -18.13 -6.97 -8.20
N ASN B 107 -19.35 -6.77 -7.68
CA ASN B 107 -19.55 -5.85 -6.57
C ASN B 107 -20.12 -6.44 -5.28
N VAL B 108 -19.94 -5.71 -4.19
CA VAL B 108 -20.64 -6.00 -2.95
C VAL B 108 -21.77 -4.99 -2.88
N VAL B 109 -22.97 -5.45 -2.56
CA VAL B 109 -24.14 -4.58 -2.53
C VAL B 109 -24.99 -4.79 -1.27
N PHE B 110 -25.90 -3.85 -1.02
CA PHE B 110 -26.87 -3.99 0.03
C PHE B 110 -28.26 -3.75 -0.55
N THR B 111 -29.23 -4.50 -0.04
CA THR B 111 -30.62 -4.36 -0.45
C THR B 111 -31.34 -3.54 0.62
N ILE B 112 -31.68 -2.32 0.26
CA ILE B 112 -32.22 -1.35 1.21
C ILE B 112 -33.47 -0.67 0.65
N LYS B 113 -34.47 -0.47 1.50
CA LYS B 113 -35.64 0.28 1.06
C LYS B 113 -35.35 1.75 1.31
N ASP B 114 -34.88 2.45 0.28
CA ASP B 114 -34.63 3.87 0.41
C ASP B 114 -35.70 4.74 -0.26
N LYS B 115 -36.70 4.12 -0.87
CA LYS B 115 -37.80 4.91 -1.47
C LYS B 115 -38.91 5.18 -0.46
N ALA B 116 -39.65 6.26 -0.68
CA ALA B 116 -40.73 6.64 0.24
C ALA B 116 -41.92 5.70 0.16
N GLU B 117 -42.22 5.22 -1.04
CA GLU B 117 -43.44 4.44 -1.26
C GLU B 117 -43.41 3.07 -0.61
N GLU B 118 -44.44 2.79 0.20
CA GLU B 118 -44.54 1.56 0.96
C GLU B 118 -44.37 0.31 0.11
N ASP B 119 -45.02 0.28 -1.05
CA ASP B 119 -45.05 -0.89 -1.90
C ASP B 119 -43.84 -1.01 -2.84
N ALA B 120 -42.98 0.01 -2.88
CA ALA B 120 -41.85 0.02 -3.80
C ALA B 120 -40.81 -1.06 -3.49
N GLU B 121 -40.16 -1.57 -4.54
CA GLU B 121 -39.08 -2.53 -4.35
C GLU B 121 -37.89 -1.86 -3.67
N PRO B 122 -37.17 -2.62 -2.85
CA PRO B 122 -35.92 -2.17 -2.26
C PRO B 122 -34.90 -1.85 -3.35
N SER B 123 -34.01 -0.90 -3.09
CA SER B 123 -32.93 -0.61 -4.01
C SER B 123 -31.74 -1.54 -3.78
N THR B 124 -31.04 -1.87 -4.85
CA THR B 124 -29.78 -2.56 -4.70
C THR B 124 -28.68 -1.51 -4.82
N LEU B 125 -27.94 -1.34 -3.73
CA LEU B 125 -26.92 -0.30 -3.68
C LEU B 125 -25.54 -0.90 -3.42
N THR B 126 -24.58 -0.53 -4.27
CA THR B 126 -23.20 -0.95 -4.10
C THR B 126 -22.64 -0.29 -2.85
N VAL B 127 -21.65 -0.93 -2.26
CA VAL B 127 -20.98 -0.34 -1.11
C VAL B 127 -20.34 0.99 -1.48
N SER B 128 -19.86 1.11 -2.73
CA SER B 128 -19.36 2.38 -3.22
C SER B 128 -20.43 3.47 -3.12
N GLU B 129 -21.65 3.14 -3.55
CA GLU B 129 -22.73 4.12 -3.54
C GLU B 129 -23.04 4.50 -2.10
N ILE B 130 -23.05 3.51 -1.21
CA ILE B 130 -23.30 3.79 0.21
C ILE B 130 -22.22 4.77 0.69
N ALA B 131 -20.98 4.51 0.32
CA ALA B 131 -19.88 5.33 0.79
C ALA B 131 -20.02 6.75 0.25
N THR B 132 -20.39 6.87 -1.02
CA THR B 132 -20.60 8.19 -1.62
C THR B 132 -21.70 8.97 -0.87
N ARG B 133 -22.83 8.32 -0.63
CA ARG B 133 -23.91 9.00 0.08
C ARG B 133 -23.50 9.42 1.49
N TYR B 134 -22.73 8.58 2.16
CA TYR B 134 -22.29 8.93 3.53
C TYR B 134 -21.28 10.09 3.52
N LEU B 135 -20.29 9.99 2.67
CA LEU B 135 -19.28 11.04 2.52
C LEU B 135 -19.92 12.39 2.14
N ARG B 136 -20.94 12.34 1.30
CA ARG B 136 -21.72 13.53 0.96
C ARG B 136 -22.28 14.20 2.23
N ARG B 137 -22.88 13.42 3.10
CA ARG B 137 -23.43 13.94 4.36
C ARG B 137 -22.35 14.51 5.28
N LEU B 138 -21.25 13.79 5.38
CA LEU B 138 -20.17 14.16 6.27
C LEU B 138 -19.56 15.48 5.82
N VAL B 139 -19.33 15.61 4.51
CA VAL B 139 -18.79 16.87 3.96
C VAL B 139 -19.81 18.01 4.09
N GLY B 140 -21.09 17.70 3.94
CA GLY B 140 -22.16 18.67 4.12
C GLY B 140 -22.15 19.31 5.51
N ALA B 141 -21.81 18.52 6.52
CA ALA B 141 -21.73 18.99 7.90
C ALA B 141 -20.58 19.99 8.05
N ALA B 142 -19.50 19.75 7.31
CA ALA B 142 -18.35 20.65 7.32
C ALA B 142 -18.69 21.97 6.61
N SER B 143 -19.32 21.86 5.44
CA SER B 143 -19.74 23.04 4.67
C SER B 143 -20.67 23.94 5.49
N GLU B 144 -21.64 23.33 6.16
CA GLU B 144 -22.51 24.10 7.04
C GLU B 144 -21.70 24.88 8.08
N TYR B 145 -20.82 24.20 8.80
CA TYR B 145 -20.03 24.87 9.83
C TYR B 145 -19.16 26.00 9.29
N LEU B 146 -18.48 25.75 8.17
CA LEU B 146 -17.56 26.72 7.60
C LEU B 146 -18.26 27.88 6.90
N GLY B 147 -19.50 27.67 6.47
CA GLY B 147 -20.25 28.70 5.77
C GLY B 147 -19.79 28.89 4.33
N LYS B 148 -19.04 27.91 3.83
CA LYS B 148 -18.72 27.81 2.39
C LYS B 148 -18.63 26.37 1.99
N LYS B 149 -18.75 26.11 0.69
CA LYS B 149 -18.78 24.74 0.20
C LYS B 149 -17.39 24.09 0.18
N VAL B 150 -17.24 23.00 0.94
CA VAL B 150 -16.00 22.25 0.93
C VAL B 150 -15.81 21.63 -0.46
N THR B 151 -14.60 21.71 -0.97
CA THR B 151 -14.32 21.14 -2.29
C THR B 151 -13.35 19.96 -2.25
N SER B 152 -12.50 19.90 -1.23
CA SER B 152 -11.35 18.99 -1.24
C SER B 152 -11.01 18.49 0.14
N ALA B 153 -10.39 17.30 0.20
CA ALA B 153 -9.98 16.75 1.49
C ALA B 153 -8.75 15.84 1.44
N VAL B 154 -8.02 15.80 2.55
CA VAL B 154 -7.13 14.71 2.84
C VAL B 154 -7.93 13.71 3.66
N ILE B 155 -7.87 12.45 3.28
CA ILE B 155 -8.58 11.38 3.96
C ILE B 155 -7.61 10.31 4.47
N THR B 156 -7.81 9.90 5.71
CA THR B 156 -6.95 8.89 6.33
C THR B 156 -7.41 7.47 6.00
N ILE B 157 -6.46 6.55 5.90
CA ILE B 157 -6.72 5.16 5.55
C ILE B 157 -5.83 4.22 6.36
N PRO B 158 -6.25 2.95 6.51
CA PRO B 158 -5.36 2.03 7.23
C PRO B 158 -4.16 1.62 6.36
N THR B 159 -3.12 1.10 6.98
CA THR B 159 -1.89 0.76 6.23
C THR B 159 -2.05 -0.52 5.44
N ASN B 160 -3.11 -1.27 5.72
CA ASN B 160 -3.40 -2.47 4.94
C ASN B 160 -4.51 -2.29 3.90
N PHE B 161 -4.88 -1.04 3.61
CA PHE B 161 -5.81 -0.76 2.52
C PHE B 161 -5.16 -1.17 1.21
N THR B 162 -5.85 -1.99 0.42
CA THR B 162 -5.30 -2.46 -0.86
C THR B 162 -5.35 -1.38 -1.92
N GLU B 163 -4.66 -1.56 -3.04
CA GLU B 163 -4.74 -0.57 -4.12
C GLU B 163 -6.19 -0.38 -4.58
N LYS B 164 -6.94 -1.48 -4.63
CA LYS B 164 -8.33 -1.45 -5.10
C LYS B 164 -9.20 -0.65 -4.15
N GLN B 165 -8.93 -0.83 -2.86
CA GLN B 165 -9.61 -0.08 -1.81
C GLN B 165 -9.31 1.42 -1.93
N LYS B 166 -8.04 1.76 -2.09
CA LYS B 166 -7.66 3.16 -2.23
C LYS B 166 -8.37 3.79 -3.41
N ALA B 167 -8.28 3.16 -4.58
CA ALA B 167 -8.96 3.68 -5.78
C ALA B 167 -10.47 3.80 -5.58
N ALA B 168 -11.05 2.83 -4.89
CA ALA B 168 -12.48 2.83 -4.62
C ALA B 168 -12.89 4.02 -3.73
N LEU B 169 -12.03 4.35 -2.76
CA LEU B 169 -12.31 5.47 -1.86
C LEU B 169 -12.22 6.77 -2.63
N ILE B 170 -11.16 6.91 -3.43
CA ILE B 170 -11.02 8.09 -4.26
C ILE B 170 -12.24 8.27 -5.20
N ALA B 171 -12.70 7.18 -5.80
CA ALA B 171 -13.84 7.23 -6.72
C ALA B 171 -15.11 7.56 -5.97
N ALA B 172 -15.30 6.95 -4.80
CA ALA B 172 -16.48 7.23 -3.99
C ALA B 172 -16.55 8.71 -3.60
N ALA B 173 -15.41 9.28 -3.23
CA ALA B 173 -15.33 10.70 -2.91
C ALA B 173 -15.68 11.57 -4.12
N ALA B 174 -15.18 11.22 -5.30
CA ALA B 174 -15.44 12.00 -6.51
C ALA B 174 -16.93 12.06 -6.83
N ALA B 175 -17.60 10.93 -6.61
CA ALA B 175 -19.03 10.83 -6.85
C ALA B 175 -19.81 11.71 -5.88
N ALA B 176 -19.15 12.10 -4.79
CA ALA B 176 -19.76 12.98 -3.78
C ALA B 176 -19.26 14.40 -4.00
N ASP B 177 -18.61 14.61 -5.14
CA ASP B 177 -18.10 15.91 -5.54
C ASP B 177 -17.04 16.43 -4.57
N LEU B 178 -16.27 15.50 -4.01
CA LEU B 178 -15.14 15.82 -3.15
C LEU B 178 -13.82 15.41 -3.82
N GLU B 179 -12.93 16.38 -3.94
CA GLU B 179 -11.60 16.16 -4.49
C GLU B 179 -10.68 15.64 -3.42
N VAL B 180 -10.13 14.43 -3.62
CA VAL B 180 -9.11 13.93 -2.69
C VAL B 180 -7.74 14.49 -3.07
N LEU B 181 -7.18 15.30 -2.18
CA LEU B 181 -5.84 15.85 -2.34
C LEU B 181 -4.75 14.84 -2.00
N GLN B 182 -5.05 13.94 -1.08
CA GLN B 182 -4.10 12.91 -0.68
C GLN B 182 -4.76 11.90 0.23
N LEU B 183 -4.32 10.63 0.14
CA LEU B 183 -4.61 9.67 1.18
C LEU B 183 -3.38 9.52 2.07
N ILE B 184 -3.55 9.71 3.38
CA ILE B 184 -2.48 9.44 4.33
C ILE B 184 -2.92 8.37 5.34
N SER B 185 -1.95 7.67 5.92
CA SER B 185 -2.27 6.59 6.85
C SER B 185 -2.80 7.09 8.19
N GLU B 186 -3.69 6.30 8.79
CA GLU B 186 -4.24 6.60 10.09
C GLU B 186 -3.16 6.85 11.15
N PRO B 187 -2.10 6.01 11.18
CA PRO B 187 -1.07 6.29 12.17
C PRO B 187 -0.24 7.55 11.83
N ALA B 188 0.05 7.79 10.55
CA ALA B 188 0.83 8.99 10.20
C ALA B 188 0.07 10.25 10.61
N ALA B 189 -1.25 10.22 10.44
CA ALA B 189 -2.10 11.34 10.83
C ALA B 189 -1.99 11.62 12.32
N ALA B 190 -1.99 10.57 13.14
CA ALA B 190 -1.88 10.74 14.59
C ALA B 190 -0.53 11.34 14.99
N VAL B 191 0.53 10.94 14.28
CA VAL B 191 1.84 11.49 14.57
C VAL B 191 1.86 12.98 14.21
N LEU B 192 1.34 13.31 13.02
CA LEU B 192 1.30 14.70 12.55
C LEU B 192 0.50 15.60 13.50
N ALA B 193 -0.61 15.07 14.02
CA ALA B 193 -1.40 15.80 15.00
C ALA B 193 -0.52 16.25 16.17
N TYR B 194 0.41 15.41 16.57
CA TYR B 194 1.38 15.77 17.61
C TYR B 194 2.59 16.49 17.01
N ASP B 195 2.95 16.12 15.78
CA ASP B 195 4.15 16.62 15.07
C ASP B 195 5.43 15.91 15.51
N SER B 203 12.96 15.68 15.95
CA SER B 203 14.15 14.87 16.16
C SER B 203 13.89 13.41 15.81
N ASP B 204 14.94 12.70 15.39
CA ASP B 204 14.82 11.28 15.08
C ASP B 204 14.35 10.49 16.30
N LYS B 205 13.33 9.67 16.11
CA LYS B 205 12.79 8.87 17.21
C LYS B 205 12.06 7.63 16.70
N ILE B 206 11.78 6.72 17.62
CA ILE B 206 10.95 5.54 17.38
C ILE B 206 9.59 5.73 18.04
N ILE B 207 8.53 5.70 17.24
CA ILE B 207 7.17 5.95 17.74
C ILE B 207 6.33 4.69 17.59
N VAL B 208 5.51 4.40 18.61
CA VAL B 208 4.47 3.39 18.49
C VAL B 208 3.11 4.07 18.53
N VAL B 209 2.34 3.92 17.47
CA VAL B 209 0.96 4.38 17.50
C VAL B 209 0.08 3.19 17.85
N ALA B 210 -0.58 3.29 18.99
CA ALA B 210 -1.55 2.29 19.43
C ALA B 210 -2.96 2.82 19.13
N ASP B 211 -3.51 2.43 17.98
CA ASP B 211 -4.79 2.96 17.53
C ASP B 211 -5.84 1.90 17.82
N LEU B 212 -6.57 2.11 18.90
CA LEU B 212 -7.46 1.10 19.44
C LEU B 212 -8.88 1.54 19.13
N GLY B 213 -9.55 0.80 18.26
CA GLY B 213 -10.80 1.24 17.69
C GLY B 213 -12.02 0.48 18.14
N GLY B 214 -12.95 0.28 17.20
CA GLY B 214 -14.24 -0.34 17.51
C GLY B 214 -14.29 -1.78 17.03
N SER B 215 -14.15 -1.97 15.72
CA SER B 215 -14.11 -3.32 15.12
C SER B 215 -12.67 -3.78 14.90
N ARG B 216 -11.71 -2.89 15.13
CA ARG B 216 -10.32 -3.27 14.96
C ARG B 216 -9.39 -2.42 15.81
N SER B 217 -8.19 -2.97 16.06
CA SER B 217 -7.06 -2.22 16.62
C SER B 217 -5.85 -2.36 15.70
N ASP B 218 -5.07 -1.30 15.55
CA ASP B 218 -3.89 -1.35 14.69
C ASP B 218 -2.74 -0.71 15.43
N VAL B 219 -1.63 -1.43 15.53
CA VAL B 219 -0.45 -0.86 16.17
C VAL B 219 0.65 -0.73 15.14
N THR B 220 1.21 0.47 15.03
CA THR B 220 2.20 0.77 14.01
C THR B 220 3.46 1.26 14.70
N VAL B 221 4.60 0.72 14.30
CA VAL B 221 5.88 1.16 14.83
C VAL B 221 6.54 1.99 13.75
N LEU B 222 6.86 3.24 14.05
CA LEU B 222 7.42 4.14 13.04
C LEU B 222 8.77 4.68 13.45
N ALA B 223 9.63 4.95 12.48
CA ALA B 223 10.87 5.64 12.74
C ALA B 223 10.80 7.01 12.08
N SER B 224 11.18 8.02 12.83
CA SER B 224 11.33 9.37 12.30
C SER B 224 12.80 9.56 11.92
N ARG B 225 13.05 9.89 10.66
CA ARG B 225 14.41 10.05 10.15
C ARG B 225 14.49 11.27 9.23
N SER B 226 15.26 12.27 9.67
CA SER B 226 15.36 13.52 8.93
C SER B 226 13.98 14.08 8.57
N GLY B 227 13.03 13.90 9.48
CA GLY B 227 11.70 14.48 9.35
C GLY B 227 10.71 13.59 8.64
N MET B 228 11.21 12.52 8.03
CA MET B 228 10.38 11.56 7.30
C MET B 228 10.08 10.33 8.15
N TYR B 229 8.84 9.86 8.14
CA TYR B 229 8.50 8.66 8.88
C TYR B 229 8.49 7.42 7.98
N THR B 230 9.07 6.33 8.47
CA THR B 230 8.99 5.05 7.77
C THR B 230 8.40 4.03 8.73
N ILE B 231 7.51 3.19 8.21
CA ILE B 231 6.88 2.17 9.02
C ILE B 231 7.78 0.94 9.11
N LEU B 232 8.08 0.52 10.34
CA LEU B 232 8.95 -0.63 10.58
C LEU B 232 8.19 -1.95 10.73
N ALA B 233 7.00 -1.85 11.30
CA ALA B 233 6.15 -3.01 11.55
C ALA B 233 4.73 -2.55 11.85
N THR B 234 3.77 -3.38 11.48
CA THR B 234 2.37 -3.16 11.82
C THR B 234 1.77 -4.46 12.33
N VAL B 235 0.80 -4.35 13.23
CA VAL B 235 0.00 -5.48 13.67
C VAL B 235 -1.47 -5.06 13.59
N HIS B 236 -2.28 -5.83 12.88
CA HIS B 236 -3.70 -5.54 12.72
C HIS B 236 -4.48 -6.59 13.50
N ASP B 237 -5.38 -6.16 14.36
CA ASP B 237 -6.14 -7.13 15.15
C ASP B 237 -7.63 -6.88 15.06
N TYR B 238 -8.41 -7.96 14.92
CA TYR B 238 -9.85 -7.85 14.76
C TYR B 238 -10.64 -8.48 15.90
N GLU B 239 -9.95 -8.74 17.01
CA GLU B 239 -10.53 -9.43 18.15
C GLU B 239 -10.57 -8.54 19.41
N TYR B 240 -9.49 -7.81 19.64
CA TYR B 240 -9.40 -6.93 20.79
C TYR B 240 -9.64 -5.50 20.34
N HIS B 241 -10.70 -4.92 20.87
CA HIS B 241 -11.21 -3.64 20.40
C HIS B 241 -12.38 -3.19 21.27
N GLY B 242 -12.98 -2.07 20.89
CA GLY B 242 -14.09 -1.51 21.64
C GLY B 242 -15.29 -2.44 21.70
N ILE B 243 -15.56 -3.15 20.62
CA ILE B 243 -16.71 -4.05 20.57
C ILE B 243 -16.53 -5.18 21.59
N ALA B 244 -15.29 -5.62 21.77
CA ALA B 244 -14.96 -6.61 22.78
C ALA B 244 -15.27 -6.08 24.19
N LEU B 245 -15.00 -4.81 24.43
CA LEU B 245 -15.31 -4.23 25.74
C LEU B 245 -16.81 -4.06 25.94
N ASP B 246 -17.54 -3.74 24.87
CA ASP B 246 -18.99 -3.68 24.95
C ASP B 246 -19.54 -5.04 25.39
N LYS B 247 -18.96 -6.10 24.83
CA LYS B 247 -19.44 -7.46 25.12
C LYS B 247 -19.21 -7.82 26.58
N VAL B 248 -18.07 -7.37 27.10
CA VAL B 248 -17.76 -7.58 28.50
C VAL B 248 -18.91 -7.05 29.37
N LEU B 249 -19.36 -5.82 29.10
CA LEU B 249 -20.46 -5.21 29.83
C LEU B 249 -21.81 -5.89 29.55
N ILE B 250 -22.04 -6.29 28.30
CA ILE B 250 -23.28 -6.96 27.92
C ILE B 250 -23.46 -8.25 28.73
N ASP B 251 -22.40 -9.06 28.82
CA ASP B 251 -22.50 -10.32 29.55
C ASP B 251 -22.70 -10.09 31.04
N HIS B 252 -21.95 -9.14 31.57
CA HIS B 252 -22.05 -8.76 32.98
C HIS B 252 -23.48 -8.38 33.34
N PHE B 253 -24.07 -7.47 32.57
CA PHE B 253 -25.41 -7.00 32.90
C PHE B 253 -26.50 -8.02 32.52
N SER B 254 -26.28 -8.81 31.49
CA SER B 254 -27.25 -9.85 31.18
C SER B 254 -27.37 -10.88 32.31
N LYS B 255 -26.24 -11.20 32.94
CA LYS B 255 -26.28 -12.11 34.09
C LYS B 255 -27.07 -11.52 35.23
N GLU B 256 -26.89 -10.22 35.48
CA GLU B 256 -27.64 -9.53 36.51
C GLU B 256 -29.14 -9.57 36.21
N PHE B 257 -29.48 -9.33 34.94
CA PHE B 257 -30.87 -9.29 34.51
C PHE B 257 -31.53 -10.64 34.76
N LEU B 258 -30.83 -11.71 34.39
CA LEU B 258 -31.32 -13.08 34.53
C LEU B 258 -31.43 -13.50 35.99
N LYS B 259 -30.53 -12.99 36.82
CA LYS B 259 -30.63 -13.25 38.25
C LYS B 259 -31.82 -12.52 38.88
N LYS B 260 -32.12 -11.32 38.39
CA LYS B 260 -33.22 -10.53 38.92
C LYS B 260 -34.56 -10.98 38.30
N ASN B 261 -34.51 -11.64 37.16
CA ASN B 261 -35.71 -12.06 36.46
C ASN B 261 -35.62 -13.53 36.09
N PRO B 262 -35.76 -14.41 37.08
CA PRO B 262 -35.64 -15.86 36.85
C PRO B 262 -36.79 -16.29 35.97
N GLY B 263 -36.50 -17.05 34.93
CA GLY B 263 -37.56 -17.44 34.03
C GLY B 263 -37.71 -16.52 32.84
N ALA B 264 -37.04 -15.37 32.87
CA ALA B 264 -37.00 -14.51 31.69
C ALA B 264 -36.09 -15.11 30.61
N LYS B 265 -36.39 -14.81 29.35
CA LYS B 265 -35.52 -15.22 28.26
C LYS B 265 -34.21 -14.42 28.30
N ASP B 266 -33.13 -15.01 27.79
CA ASP B 266 -31.81 -14.35 27.71
C ASP B 266 -31.85 -13.27 26.64
N PRO B 267 -31.65 -12.01 27.03
CA PRO B 267 -31.76 -10.93 26.05
C PRO B 267 -30.64 -10.95 24.99
N ARG B 268 -29.55 -11.66 25.28
CA ARG B 268 -28.50 -11.80 24.27
C ARG B 268 -28.91 -12.66 23.07
N GLU B 269 -29.97 -13.46 23.23
CA GLU B 269 -30.33 -14.45 22.21
C GLU B 269 -31.52 -13.98 21.36
N ASN B 270 -31.95 -12.76 21.60
CA ASN B 270 -33.00 -12.13 20.83
C ASN B 270 -32.38 -10.94 20.09
N PRO B 271 -32.53 -10.88 18.76
CA PRO B 271 -31.78 -9.84 18.05
C PRO B 271 -32.16 -8.41 18.48
N ARG B 272 -33.44 -8.14 18.64
CA ARG B 272 -33.88 -6.81 19.07
C ARG B 272 -33.32 -6.47 20.46
N SER B 273 -33.41 -7.41 21.39
CA SER B 273 -32.93 -7.17 22.75
C SER B 273 -31.41 -6.98 22.76
N LEU B 274 -30.70 -7.76 21.94
CA LEU B 274 -29.25 -7.64 21.84
C LEU B 274 -28.86 -6.25 21.29
N ALA B 275 -29.60 -5.77 20.31
CA ALA B 275 -29.30 -4.47 19.73
C ALA B 275 -29.43 -3.35 20.79
N LYS B 276 -30.45 -3.47 21.64
CA LYS B 276 -30.63 -2.53 22.74
C LYS B 276 -29.49 -2.60 23.76
N LEU B 277 -29.07 -3.83 24.08
CA LEU B 277 -27.96 -4.04 24.99
C LEU B 277 -26.67 -3.42 24.45
N ARG B 278 -26.40 -3.59 23.15
CA ARG B 278 -25.16 -3.09 22.57
C ARG B 278 -25.04 -1.57 22.67
N LEU B 279 -26.13 -0.89 22.35
CA LEU B 279 -26.15 0.57 22.42
C LEU B 279 -25.95 1.10 23.83
N GLU B 280 -26.67 0.51 24.78
CA GLU B 280 -26.55 0.91 26.18
C GLU B 280 -25.19 0.55 26.78
N ALA B 281 -24.67 -0.62 26.41
CA ALA B 281 -23.36 -1.01 26.93
C ALA B 281 -22.28 -0.02 26.45
N GLU B 282 -22.35 0.39 25.19
CA GLU B 282 -21.35 1.35 24.71
C GLU B 282 -21.45 2.69 25.44
N SER B 283 -22.68 3.11 25.72
CA SER B 283 -22.91 4.35 26.45
C SER B 283 -22.35 4.27 27.88
N THR B 284 -22.61 3.17 28.57
CA THR B 284 -22.11 2.97 29.92
C THR B 284 -20.58 2.97 29.91
N LYS B 285 -20.00 2.30 28.92
CA LYS B 285 -18.56 2.17 28.78
C LYS B 285 -17.90 3.53 28.61
N ARG B 286 -18.49 4.36 27.76
CA ARG B 286 -17.91 5.67 27.50
C ARG B 286 -18.03 6.58 28.71
N ALA B 287 -19.15 6.46 29.43
CA ALA B 287 -19.32 7.21 30.67
C ALA B 287 -18.19 6.90 31.64
N LEU B 288 -17.79 5.63 31.68
CA LEU B 288 -16.77 5.19 32.62
C LEU B 288 -15.36 5.70 32.30
N SER B 289 -15.17 6.29 31.11
CA SER B 289 -13.87 6.90 30.80
C SER B 289 -13.76 8.29 31.44
N ARG B 290 -14.90 8.87 31.82
CA ARG B 290 -14.89 10.23 32.36
C ARG B 290 -15.34 10.31 33.82
N SER B 291 -16.04 9.29 34.30
CA SER B 291 -16.44 9.27 35.71
C SER B 291 -16.20 7.89 36.28
N THR B 292 -16.26 7.75 37.61
CA THR B 292 -15.94 6.46 38.22
C THR B 292 -17.19 5.61 38.47
N ASN B 293 -18.36 6.17 38.19
CA ASN B 293 -19.64 5.49 38.39
C ASN B 293 -20.52 5.73 37.17
N ALA B 294 -21.31 4.72 36.80
CA ALA B 294 -22.14 4.83 35.61
C ALA B 294 -23.39 3.98 35.75
N SER B 295 -24.46 4.43 35.12
CA SER B 295 -25.69 3.65 35.05
C SER B 295 -25.73 2.81 33.77
N PHE B 296 -26.51 1.72 33.82
CA PHE B 296 -26.85 0.93 32.65
C PHE B 296 -28.33 0.64 32.79
N SER B 297 -29.14 1.07 31.83
CA SER B 297 -30.56 0.80 31.93
C SER B 297 -31.20 0.67 30.55
N VAL B 298 -32.13 -0.27 30.46
CA VAL B 298 -32.83 -0.50 29.22
C VAL B 298 -34.28 -0.73 29.58
N GLU B 299 -35.17 0.08 29.02
CA GLU B 299 -36.58 -0.18 29.27
C GLU B 299 -37.17 -1.07 28.19
N SER B 300 -38.15 -1.90 28.57
CA SER B 300 -38.70 -2.91 27.70
C SER B 300 -37.61 -3.72 27.01
N LEU B 301 -36.65 -4.20 27.81
CA LEU B 301 -35.53 -4.99 27.29
C LEU B 301 -35.99 -6.23 26.50
N ILE B 302 -36.82 -7.04 27.14
CA ILE B 302 -37.34 -8.24 26.50
C ILE B 302 -38.65 -8.60 27.19
N ASP B 303 -39.64 -8.98 26.39
CA ASP B 303 -40.97 -9.32 26.89
C ASP B 303 -41.54 -8.28 27.84
N GLY B 304 -41.24 -7.02 27.57
CA GLY B 304 -41.77 -5.91 28.34
C GLY B 304 -41.03 -5.58 29.63
N LEU B 305 -40.05 -6.42 29.98
CA LEU B 305 -39.35 -6.29 31.26
C LEU B 305 -38.31 -5.18 31.19
N ASP B 306 -38.26 -4.35 32.23
CA ASP B 306 -37.25 -3.30 32.32
C ASP B 306 -35.99 -3.82 33.03
N PHE B 307 -34.88 -3.11 32.89
CA PHE B 307 -33.67 -3.43 33.65
C PHE B 307 -32.86 -2.18 33.92
N ALA B 308 -32.43 -2.02 35.16
CA ALA B 308 -31.61 -0.87 35.52
C ALA B 308 -30.60 -1.33 36.54
N SER B 309 -29.36 -0.89 36.37
CA SER B 309 -28.33 -1.20 37.35
C SER B 309 -27.22 -0.15 37.21
N THR B 310 -26.10 -0.39 37.89
CA THR B 310 -24.98 0.54 37.86
C THR B 310 -23.70 -0.25 37.94
N ILE B 311 -22.58 0.39 37.60
CA ILE B 311 -21.27 -0.21 37.73
C ILE B 311 -20.24 0.89 37.97
N ASN B 312 -19.24 0.61 38.79
CA ASN B 312 -18.15 1.58 38.93
C ASN B 312 -16.88 1.20 38.16
N ARG B 313 -15.98 2.15 38.00
CA ARG B 313 -14.83 1.94 37.14
C ARG B 313 -13.95 0.78 37.61
N LEU B 314 -13.80 0.64 38.92
CA LEU B 314 -13.00 -0.46 39.47
C LEU B 314 -13.55 -1.83 39.08
N ARG B 315 -14.87 -2.00 39.22
CA ARG B 315 -15.51 -3.27 38.84
C ARG B 315 -15.37 -3.50 37.32
N TYR B 316 -15.57 -2.44 36.54
CA TYR B 316 -15.41 -2.53 35.08
C TYR B 316 -13.99 -2.94 34.68
N GLU B 317 -13.00 -2.32 35.30
CA GLU B 317 -11.60 -2.66 35.05
C GLU B 317 -11.36 -4.14 35.35
N THR B 318 -12.00 -4.65 36.38
CA THR B 318 -11.87 -6.05 36.74
C THR B 318 -12.41 -6.98 35.65
N ILE B 319 -13.62 -6.72 35.19
CA ILE B 319 -14.26 -7.60 34.20
C ILE B 319 -13.70 -7.42 32.79
N ALA B 320 -13.06 -6.28 32.54
CA ALA B 320 -12.41 -5.99 31.27
C ALA B 320 -10.92 -6.38 31.24
N ARG B 321 -10.39 -6.89 32.34
CA ARG B 321 -8.95 -7.16 32.46
C ARG B 321 -8.41 -8.00 31.30
N THR B 322 -9.12 -9.07 30.93
CA THR B 322 -8.68 -9.93 29.87
C THR B 322 -8.53 -9.24 28.51
N VAL B 323 -9.50 -8.40 28.17
CA VAL B 323 -9.42 -7.61 26.95
C VAL B 323 -8.26 -6.61 27.02
N PHE B 324 -8.12 -5.94 28.16
CA PHE B 324 -7.01 -5.00 28.35
C PHE B 324 -5.65 -5.68 28.12
N GLU B 325 -5.50 -6.91 28.62
CA GLU B 325 -4.25 -7.64 28.45
C GLU B 325 -3.98 -7.91 26.98
N GLY B 326 -5.05 -8.12 26.19
CA GLY B 326 -4.91 -8.28 24.75
C GLY B 326 -4.28 -7.04 24.11
N PHE B 327 -4.68 -5.86 24.56
CA PHE B 327 -4.07 -4.62 24.05
C PHE B 327 -2.57 -4.58 24.37
N ASN B 328 -2.19 -4.94 25.60
CA ASN B 328 -0.77 -5.04 25.95
C ASN B 328 0.02 -5.95 25.00
N ARG B 329 -0.48 -7.16 24.78
CA ARG B 329 0.20 -8.12 23.90
C ARG B 329 0.30 -7.61 22.47
N LEU B 330 -0.72 -6.87 22.02
CA LEU B 330 -0.67 -6.35 20.66
C LEU B 330 0.47 -5.37 20.49
N VAL B 331 0.60 -4.49 21.46
CA VAL B 331 1.64 -3.47 21.42
C VAL B 331 2.99 -4.17 21.53
N GLU B 332 3.09 -5.09 22.48
CA GLU B 332 4.33 -5.86 22.66
C GLU B 332 4.75 -6.62 21.38
N SER B 333 3.80 -7.21 20.67
CA SER B 333 4.13 -7.94 19.46
C SER B 333 4.56 -7.02 18.31
N ALA B 334 4.03 -5.79 18.26
CA ALA B 334 4.45 -4.88 17.19
C ALA B 334 5.91 -4.46 17.37
N VAL B 335 6.27 -4.15 18.62
CA VAL B 335 7.64 -3.75 18.92
C VAL B 335 8.62 -4.88 18.53
N LYS B 336 8.31 -6.10 18.96
CA LYS B 336 9.07 -7.30 18.61
C LYS B 336 9.16 -7.52 17.09
N LYS B 337 8.02 -7.41 16.42
CA LYS B 337 7.94 -7.60 14.98
C LYS B 337 8.84 -6.62 14.26
N ALA B 338 9.10 -5.48 14.91
CA ALA B 338 9.93 -4.43 14.31
C ALA B 338 11.42 -4.69 14.58
N GLY B 339 11.70 -5.74 15.34
CA GLY B 339 13.06 -6.09 15.70
C GLY B 339 13.59 -5.26 16.84
N LEU B 340 12.69 -4.71 17.65
CA LEU B 340 13.06 -3.85 18.77
C LEU B 340 12.70 -4.41 20.15
N ASP B 341 13.15 -3.70 21.17
CA ASP B 341 12.76 -3.94 22.55
C ASP B 341 12.00 -2.71 23.06
N PRO B 342 11.16 -2.87 24.09
CA PRO B 342 10.41 -1.74 24.64
C PRO B 342 11.29 -0.52 24.89
N LEU B 343 12.53 -0.75 25.29
CA LEU B 343 13.44 0.33 25.62
C LEU B 343 13.75 1.24 24.41
N ASP B 344 13.73 0.68 23.21
CA ASP B 344 14.01 1.43 21.98
C ASP B 344 12.91 2.43 21.62
N VAL B 345 11.74 2.28 22.24
CA VAL B 345 10.58 3.12 21.93
C VAL B 345 10.60 4.43 22.72
N ASP B 346 10.63 5.56 22.01
CA ASP B 346 10.65 6.88 22.65
C ASP B 346 9.27 7.34 23.12
N GLU B 347 8.26 7.08 22.28
CA GLU B 347 6.88 7.49 22.58
C GLU B 347 5.89 6.43 22.14
N VAL B 348 4.89 6.23 22.97
CA VAL B 348 3.66 5.53 22.58
C VAL B 348 2.53 6.55 22.44
N ILE B 349 2.05 6.75 21.22
CA ILE B 349 0.90 7.64 20.99
C ILE B 349 -0.38 6.83 21.02
N MET B 350 -1.27 7.14 21.95
CA MET B 350 -2.54 6.43 22.05
C MET B 350 -3.64 7.12 21.24
N SER B 351 -4.21 6.38 20.28
CA SER B 351 -5.11 6.93 19.29
C SER B 351 -6.36 6.07 19.21
N GLY B 352 -7.42 6.61 18.63
CA GLY B 352 -8.68 5.88 18.53
C GLY B 352 -9.57 5.96 19.77
N GLY B 353 -10.85 5.66 19.56
CA GLY B 353 -11.85 5.85 20.60
C GLY B 353 -11.56 5.07 21.87
N THR B 354 -11.06 3.85 21.72
CA THR B 354 -10.83 2.99 22.88
C THR B 354 -9.65 3.50 23.72
N SER B 355 -8.77 4.28 23.09
CA SER B 355 -7.63 4.85 23.80
C SER B 355 -8.02 5.93 24.82
N ASN B 356 -9.30 6.29 24.87
CA ASN B 356 -9.83 7.14 25.95
C ASN B 356 -9.90 6.44 27.30
N THR B 357 -9.79 5.11 27.28
CA THR B 357 -9.92 4.32 28.52
C THR B 357 -8.69 4.53 29.41
N PRO B 358 -8.89 5.11 30.59
CA PRO B 358 -7.79 5.45 31.50
C PRO B 358 -6.93 4.24 31.88
N ARG B 359 -7.56 3.12 32.17
CA ARG B 359 -6.79 1.95 32.58
C ARG B 359 -5.78 1.49 31.51
N ILE B 360 -6.09 1.69 30.23
CA ILE B 360 -5.19 1.19 29.17
C ILE B 360 -3.90 2.00 29.14
N ALA B 361 -4.04 3.29 29.33
CA ALA B 361 -2.89 4.18 29.44
C ALA B 361 -2.01 3.80 30.64
N ALA B 362 -2.64 3.56 31.79
CA ALA B 362 -1.90 3.14 32.98
C ALA B 362 -1.19 1.81 32.75
N ASN B 363 -1.85 0.86 32.08
CA ASN B 363 -1.22 -0.40 31.75
C ASN B 363 0.01 -0.23 30.86
N PHE B 364 -0.08 0.64 29.87
CA PHE B 364 1.04 0.85 28.97
C PHE B 364 2.18 1.53 29.72
N ARG B 365 1.83 2.50 30.56
CA ARG B 365 2.79 3.18 31.44
C ARG B 365 3.59 2.14 32.25
N TYR B 366 2.91 1.07 32.68
CA TYR B 366 3.53 0.05 33.50
C TYR B 366 4.50 -0.84 32.72
N ILE B 367 4.07 -1.25 31.53
CA ILE B 367 4.85 -2.13 30.66
C ILE B 367 6.12 -1.48 30.07
N PHE B 368 6.01 -0.24 29.61
CA PHE B 368 7.15 0.44 29.01
C PHE B 368 8.06 1.08 30.05
N PRO B 369 9.39 1.04 29.81
CA PRO B 369 10.31 1.70 30.74
C PRO B 369 9.99 3.18 30.89
N GLU B 370 10.34 3.76 32.03
CA GLU B 370 9.98 5.14 32.31
C GLU B 370 10.54 6.12 31.28
N SER B 371 11.58 5.70 30.55
CA SER B 371 12.16 6.57 29.54
C SER B 371 11.27 6.66 28.29
N THR B 372 10.29 5.77 28.18
CA THR B 372 9.32 5.83 27.10
C THR B 372 8.14 6.71 27.50
N ARG B 373 7.80 7.71 26.67
CA ARG B 373 6.64 8.56 26.94
C ARG B 373 5.34 7.90 26.49
N ILE B 374 4.34 7.90 27.35
CA ILE B 374 3.01 7.39 26.99
C ILE B 374 2.09 8.59 26.77
N LEU B 375 1.74 8.87 25.52
CA LEU B 375 0.93 10.05 25.20
C LEU B 375 -0.56 9.73 25.21
N ALA B 376 -1.19 10.02 26.34
CA ALA B 376 -2.63 9.84 26.55
C ALA B 376 -3.03 10.84 27.62
N PRO B 377 -4.31 11.26 27.63
CA PRO B 377 -4.75 12.33 28.54
C PRO B 377 -4.33 12.10 30.00
N SER B 378 -4.41 10.88 30.48
CA SER B 378 -4.21 10.59 31.91
C SER B 378 -2.74 10.38 32.27
N THR B 379 -1.87 10.25 31.28
CA THR B 379 -0.46 9.96 31.53
C THR B 379 0.52 11.02 31.02
N ASP B 380 0.01 12.06 30.38
CA ASP B 380 0.88 13.11 29.86
C ASP B 380 0.10 14.40 29.71
N PRO B 381 0.57 15.48 30.37
CA PRO B 381 -0.12 16.78 30.36
C PRO B 381 -0.25 17.39 28.97
N SER B 382 0.60 16.95 28.05
CA SER B 382 0.62 17.49 26.70
C SER B 382 -0.22 16.71 25.70
N ALA B 383 -0.99 15.75 26.18
CA ALA B 383 -1.69 14.83 25.29
C ALA B 383 -2.95 15.45 24.68
N LEU B 384 -3.27 15.03 23.47
CA LEU B 384 -4.48 15.47 22.79
C LEU B 384 -5.56 14.41 23.00
N ASN B 385 -6.77 14.68 22.54
CA ASN B 385 -7.87 13.72 22.62
C ASN B 385 -7.62 12.61 21.61
N PRO B 386 -7.56 11.34 22.08
CA PRO B 386 -7.30 10.21 21.18
C PRO B 386 -8.28 10.11 20.00
N SER B 387 -9.52 10.52 20.23
CA SER B 387 -10.56 10.44 19.21
C SER B 387 -10.42 11.51 18.12
N GLU B 388 -9.62 12.53 18.38
CA GLU B 388 -9.49 13.63 17.42
C GLU B 388 -8.20 13.60 16.62
N LEU B 389 -7.24 12.75 17.01
CA LEU B 389 -5.91 12.80 16.41
C LEU B 389 -5.90 12.63 14.89
N GLN B 390 -6.65 11.65 14.40
CA GLN B 390 -6.64 11.34 12.98
C GLN B 390 -7.21 12.46 12.12
N ALA B 391 -8.34 13.02 12.53
CA ALA B 391 -8.95 14.11 11.75
C ALA B 391 -8.07 15.36 11.79
N ARG B 392 -7.43 15.58 12.93
CA ARG B 392 -6.56 16.76 13.08
C ARG B 392 -5.32 16.69 12.19
N GLY B 393 -4.67 15.52 12.17
CA GLY B 393 -3.56 15.26 11.27
C GLY B 393 -3.96 15.39 9.81
N ALA B 394 -5.12 14.86 9.43
CA ALA B 394 -5.59 15.03 8.06
C ALA B 394 -5.80 16.51 7.72
N ALA B 395 -6.41 17.27 8.61
CA ALA B 395 -6.61 18.70 8.36
C ALA B 395 -5.30 19.46 8.23
N LEU B 396 -4.36 19.18 9.12
CA LEU B 396 -3.03 19.79 9.08
C LEU B 396 -2.38 19.52 7.73
N GLN B 397 -2.48 18.28 7.27
CA GLN B 397 -1.89 17.90 5.99
C GLN B 397 -2.61 18.58 4.83
N ALA B 398 -3.93 18.71 4.92
CA ALA B 398 -4.68 19.35 3.84
C ALA B 398 -4.29 20.83 3.76
N SER B 399 -4.09 21.45 4.91
CA SER B 399 -3.65 22.85 4.97
C SER B 399 -2.21 23.08 4.53
N LEU B 400 -1.36 22.09 4.74
CA LEU B 400 -0.01 22.18 4.20
C LEU B 400 -0.06 22.14 2.67
N ILE B 401 -0.86 21.21 2.15
CA ILE B 401 -1.02 21.07 0.70
C ILE B 401 -1.46 22.37 -0.01
N GLN B 402 -2.50 23.01 0.53
CA GLN B 402 -3.06 24.21 -0.10
C GLN B 402 -2.16 25.44 0.11
#